data_3S6Y
#
_entry.id   3S6Y
#
_cell.length_a   87.150
_cell.length_b   333.180
_cell.length_c   58.490
_cell.angle_alpha   90.00
_cell.angle_beta   90.00
_cell.angle_gamma   90.00
#
_symmetry.space_group_name_H-M   'P 21 21 2'
#
loop_
_entity.id
_entity.type
_entity.pdbx_description
1 polymer 'Outer capsid protein sigma-1'
2 branched 'N-acetyl-alpha-neuraminic acid-(2-6)-beta-D-galactopyranose-(1-4)-beta-D-glucopyranose'
3 non-polymer 'N-acetyl-alpha-neuraminic acid'
4 water water
#
_entity_poly.entity_id   1
_entity_poly.type   'polypeptide(L)'
_entity_poly.pdbx_seq_one_letter_code
;QIEDKIEEILSKIYHIENEIARIKKLIGEGSGRPVLNQGVTSAGAPLSIRNNRMTMGLNDGLTLSGNNLAIRLPGNTGLN
IQNGGLQFRFNTDQFQIVNNNLTLKTTVFDSINSRIGAIEQSYVASAVTPLRLNSSTKVLDMLIDSSTLEINSSGQLTVR
STSPNLRYPIADVSGGIGMSPNYRFRQSMWIGIVSYSGSGLNWRVQVNSDIFIVDDYIHICLPAFDGFSIADGGDLSLNF
VTGLLPPLLTGDTEPAFHNDVVTYGAQTVAIGLSSGGTPQYMSKNLWVEQWQDGVLRLRVEGGGSITHSNSKWPAMTVSY
PRSFT
;
_entity_poly.pdbx_strand_id   A,B,C
#
# COMPACT_ATOMS: atom_id res chain seq x y z
N ASN A 37 -93.07 -11.16 79.11
CA ASN A 37 -93.55 -12.28 78.31
C ASN A 37 -93.96 -11.89 76.89
N GLN A 38 -93.61 -12.74 75.93
CA GLN A 38 -93.70 -12.43 74.51
C GLN A 38 -92.75 -11.28 74.13
N GLY A 39 -92.31 -10.53 75.13
CA GLY A 39 -91.36 -9.46 74.92
C GLY A 39 -89.97 -9.94 74.55
N VAL A 40 -89.00 -9.04 74.62
CA VAL A 40 -87.60 -9.41 74.43
C VAL A 40 -86.85 -8.96 75.68
N THR A 41 -86.34 -9.92 76.44
CA THR A 41 -85.74 -9.61 77.74
C THR A 41 -84.20 -9.71 77.76
N SER A 42 -83.60 -10.44 76.83
CA SER A 42 -82.15 -10.45 76.70
C SER A 42 -81.72 -10.57 75.24
N ALA A 43 -80.43 -10.34 74.99
CA ALA A 43 -79.92 -10.42 73.62
C ALA A 43 -78.49 -10.94 73.53
N GLY A 44 -78.23 -11.74 72.51
CA GLY A 44 -76.89 -12.23 72.21
C GLY A 44 -76.01 -11.21 71.49
N ALA A 45 -74.72 -11.22 71.80
CA ALA A 45 -73.80 -10.26 71.18
C ALA A 45 -73.89 -10.37 69.66
N PRO A 46 -73.83 -9.24 68.96
CA PRO A 46 -73.40 -7.93 69.44
C PRO A 46 -74.54 -7.03 69.88
N LEU A 47 -75.72 -7.59 70.10
CA LEU A 47 -76.85 -6.79 70.61
C LEU A 47 -76.74 -6.76 72.12
N SER A 48 -77.11 -5.63 72.75
CA SER A 48 -77.18 -5.55 74.20
C SER A 48 -78.31 -4.64 74.68
N ILE A 49 -78.81 -4.92 75.88
CA ILE A 49 -79.97 -4.19 76.40
C ILE A 49 -79.67 -3.45 77.72
N ARG A 50 -80.13 -2.22 77.81
CA ARG A 50 -79.98 -1.39 79.00
C ARG A 50 -81.31 -0.69 79.13
N ASN A 51 -81.96 -0.77 80.29
CA ASN A 51 -83.20 -0.02 80.51
C ASN A 51 -84.14 -0.02 79.29
N ASN A 52 -84.57 -1.20 78.87
CA ASN A 52 -85.57 -1.31 77.81
C ASN A 52 -85.09 -0.79 76.44
N ARG A 53 -83.81 -0.46 76.32
CA ARG A 53 -83.26 0.07 75.07
C ARG A 53 -82.16 -0.80 74.47
N MET A 54 -82.34 -1.24 73.23
CA MET A 54 -81.35 -2.09 72.57
C MET A 54 -80.35 -1.32 71.69
N THR A 55 -79.06 -1.56 71.92
CA THR A 55 -78.03 -1.04 71.02
C THR A 55 -77.07 -2.14 70.56
N MET A 56 -76.22 -1.79 69.59
CA MET A 56 -75.37 -2.75 68.87
C MET A 56 -73.92 -2.33 68.93
N GLY A 57 -73.03 -3.28 69.27
CA GLY A 57 -71.60 -2.99 69.40
C GLY A 57 -70.80 -3.16 68.12
N LEU A 58 -70.05 -2.14 67.74
CA LEU A 58 -69.26 -2.23 66.51
C LEU A 58 -67.77 -2.03 66.68
N ASN A 59 -66.99 -2.93 66.11
CA ASN A 59 -65.55 -2.71 65.96
C ASN A 59 -65.25 -1.72 64.83
N ASP A 60 -64.02 -1.19 64.81
CA ASP A 60 -63.56 -0.45 63.64
C ASP A 60 -63.81 -1.27 62.39
N GLY A 61 -64.25 -0.60 61.32
CA GLY A 61 -64.52 -1.24 60.05
C GLY A 61 -66.00 -1.39 59.80
N LEU A 62 -66.78 -1.31 60.86
CA LEU A 62 -68.23 -1.22 60.77
C LEU A 62 -68.70 0.09 61.41
N THR A 63 -69.65 0.75 60.78
CA THR A 63 -69.99 2.09 61.23
C THR A 63 -71.45 2.44 60.92
N LEU A 64 -71.86 3.63 61.36
CA LEU A 64 -73.20 4.13 61.07
C LEU A 64 -73.13 5.09 59.88
N SER A 65 -74.07 4.94 58.95
CA SER A 65 -74.20 5.85 57.82
C SER A 65 -75.68 6.15 57.68
N GLY A 66 -76.04 7.42 57.86
CA GLY A 66 -77.44 7.78 58.03
C GLY A 66 -78.04 6.84 59.06
N ASN A 67 -79.09 6.12 58.68
CA ASN A 67 -79.73 5.20 59.60
C ASN A 67 -79.20 3.78 59.50
N ASN A 68 -78.22 3.54 58.61
CA ASN A 68 -77.82 2.16 58.25
C ASN A 68 -76.43 1.70 58.72
N LEU A 69 -76.28 0.37 58.87
CA LEU A 69 -74.97 -0.21 59.11
C LEU A 69 -74.18 -0.21 57.81
N ALA A 70 -72.93 0.22 57.89
CA ALA A 70 -72.08 0.30 56.70
C ALA A 70 -70.66 -0.17 56.97
N ILE A 71 -69.99 -0.57 55.90
CA ILE A 71 -68.56 -0.86 55.98
C ILE A 71 -67.82 0.48 55.91
N ARG A 72 -66.85 0.67 56.81
CA ARG A 72 -66.08 1.91 56.86
C ARG A 72 -64.70 1.72 56.19
N LEU A 73 -64.39 2.60 55.25
CA LEU A 73 -63.16 2.49 54.48
C LEU A 73 -62.36 3.79 54.56
N PRO A 74 -61.53 3.94 55.59
CA PRO A 74 -60.86 5.23 55.70
C PRO A 74 -59.84 5.38 54.58
N GLY A 75 -59.63 6.60 54.11
CA GLY A 75 -58.60 6.88 53.12
C GLY A 75 -58.89 6.44 51.69
N ASN A 76 -57.85 6.29 50.91
CA ASN A 76 -57.93 5.71 49.57
C ASN A 76 -56.92 4.59 49.49
N THR A 77 -57.35 3.34 49.66
CA THR A 77 -56.39 2.25 49.62
C THR A 77 -56.80 1.26 48.55
N GLY A 78 -57.64 1.72 47.63
CA GLY A 78 -58.08 0.88 46.53
C GLY A 78 -59.39 0.16 46.78
N LEU A 79 -59.95 0.34 47.98
CA LEU A 79 -61.23 -0.24 48.32
C LEU A 79 -62.32 0.83 48.21
N ASN A 80 -63.52 0.42 47.84
CA ASN A 80 -64.61 1.39 47.74
C ASN A 80 -65.97 0.72 47.77
N ILE A 81 -66.98 1.41 48.30
CA ILE A 81 -68.35 0.94 48.13
C ILE A 81 -68.92 1.46 46.81
N GLN A 82 -69.08 0.55 45.86
CA GLN A 82 -69.51 0.92 44.52
C GLN A 82 -70.18 -0.26 43.81
N ASN A 83 -71.07 0.06 42.87
CA ASN A 83 -71.87 -0.95 42.18
C ASN A 83 -72.55 -1.94 43.12
N GLY A 84 -73.04 -1.46 44.26
CA GLY A 84 -73.88 -2.27 45.12
C GLY A 84 -73.19 -3.13 46.18
N GLY A 85 -71.91 -2.86 46.40
CA GLY A 85 -71.18 -3.61 47.39
C GLY A 85 -69.75 -3.16 47.49
N LEU A 86 -68.90 -4.08 47.92
CA LEU A 86 -67.50 -3.78 48.14
C LEU A 86 -66.70 -4.27 46.95
N GLN A 87 -65.89 -3.38 46.39
CA GLN A 87 -65.03 -3.72 45.26
C GLN A 87 -63.60 -3.22 45.46
N PHE A 88 -62.66 -3.87 44.77
CA PHE A 88 -61.29 -3.39 44.74
C PHE A 88 -61.02 -2.65 43.43
N ARG A 89 -60.16 -1.63 43.50
CA ARG A 89 -59.90 -0.77 42.35
C ARG A 89 -58.43 -0.75 41.91
N PHE A 90 -58.18 -0.92 40.61
CA PHE A 90 -56.82 -1.01 40.09
C PHE A 90 -56.68 -0.35 38.72
N ASN A 91 -55.61 0.41 38.55
CA ASN A 91 -55.26 0.97 37.24
C ASN A 91 -55.44 -0.07 36.14
N THR A 92 -56.28 0.25 35.18
CA THR A 92 -56.73 -0.74 34.20
C THR A 92 -55.66 -1.14 33.19
N ASP A 93 -54.68 -0.27 32.99
CA ASP A 93 -53.59 -0.51 32.04
C ASP A 93 -52.52 -1.47 32.60
N GLN A 94 -52.36 -1.47 33.91
CA GLN A 94 -51.28 -2.22 34.54
C GLN A 94 -51.75 -3.55 35.12
N PHE A 95 -53.01 -3.61 35.51
CA PHE A 95 -53.54 -4.83 36.12
C PHE A 95 -54.79 -5.36 35.43
N GLN A 96 -55.12 -6.61 35.74
CA GLN A 96 -56.38 -7.21 35.34
C GLN A 96 -56.74 -8.35 36.28
N ILE A 97 -57.96 -8.85 36.16
CA ILE A 97 -58.42 -9.97 36.98
C ILE A 97 -58.55 -11.23 36.11
N VAL A 98 -58.03 -12.34 36.59
CA VAL A 98 -58.15 -13.60 35.87
C VAL A 98 -58.53 -14.70 36.85
N ASN A 99 -59.74 -15.24 36.68
CA ASN A 99 -60.36 -16.12 37.66
C ASN A 99 -60.43 -15.51 39.06
N ASN A 100 -60.67 -14.21 39.10
CA ASN A 100 -60.78 -13.46 40.34
C ASN A 100 -59.49 -13.42 41.15
N ASN A 101 -58.37 -13.41 40.43
CA ASN A 101 -57.06 -13.19 41.04
C ASN A 101 -56.47 -11.94 40.42
N LEU A 102 -55.88 -11.07 41.23
CA LEU A 102 -55.22 -9.89 40.71
C LEU A 102 -54.03 -10.31 39.86
N THR A 103 -53.99 -9.87 38.61
CA THR A 103 -52.83 -10.19 37.77
C THR A 103 -52.25 -9.00 37.00
N LEU A 104 -50.99 -9.15 36.56
CA LEU A 104 -50.29 -8.14 35.79
C LEU A 104 -50.58 -8.24 34.29
N LYS A 105 -51.02 -7.14 33.70
CA LYS A 105 -51.17 -7.04 32.24
C LYS A 105 -49.79 -7.20 31.60
N THR A 106 -49.71 -7.98 30.53
CA THR A 106 -48.44 -8.20 29.84
C THR A 106 -47.98 -6.96 29.09
N THR A 107 -48.93 -6.08 28.78
CA THR A 107 -48.61 -4.85 28.09
C THR A 107 -47.80 -3.88 28.97
N VAL A 108 -47.51 -4.30 30.18
CA VAL A 108 -46.65 -3.53 31.08
C VAL A 108 -45.20 -3.63 30.63
N PHE A 109 -44.79 -4.83 30.23
CA PHE A 109 -43.40 -5.12 29.95
C PHE A 109 -43.04 -4.99 28.48
N ASP A 110 -44.05 -4.75 27.65
CA ASP A 110 -43.84 -4.66 26.20
C ASP A 110 -42.72 -3.69 25.81
N SER A 111 -42.75 -2.48 26.38
CA SER A 111 -41.73 -1.47 26.12
C SER A 111 -40.33 -1.94 26.55
N ILE A 112 -40.28 -2.87 27.49
CA ILE A 112 -39.01 -3.41 27.94
C ILE A 112 -38.60 -4.58 27.06
N ASN A 113 -39.53 -5.50 26.80
CA ASN A 113 -39.22 -6.65 25.99
C ASN A 113 -38.87 -6.27 24.56
N SER A 114 -39.26 -5.06 24.16
CA SER A 114 -38.92 -4.54 22.84
C SER A 114 -37.53 -3.90 22.81
N ARG A 115 -37.27 -3.02 23.77
CA ARG A 115 -36.00 -2.31 23.84
C ARG A 115 -34.81 -3.27 24.00
N ILE A 116 -35.08 -4.49 24.42
CA ILE A 116 -34.04 -5.50 24.60
C ILE A 116 -33.97 -6.47 23.43
N GLY A 117 -35.10 -6.72 22.80
CA GLY A 117 -35.13 -7.49 21.58
C GLY A 117 -34.44 -6.68 20.49
N ALA A 118 -34.59 -5.37 20.60
CA ALA A 118 -34.00 -4.43 19.65
C ALA A 118 -32.46 -4.44 19.71
N ILE A 119 -31.91 -5.30 20.54
CA ILE A 119 -30.47 -5.38 20.72
C ILE A 119 -30.00 -6.80 20.48
N GLU A 120 -30.60 -7.75 21.19
CA GLU A 120 -30.23 -9.15 21.05
C GLU A 120 -30.23 -9.57 19.59
N GLN A 121 -31.04 -8.90 18.79
CA GLN A 121 -31.15 -9.22 17.37
C GLN A 121 -29.84 -8.96 16.63
N SER A 122 -29.09 -7.95 17.06
CA SER A 122 -27.77 -7.67 16.51
C SER A 122 -26.96 -6.76 17.42
N TYR A 123 -25.84 -7.28 17.92
CA TYR A 123 -24.87 -6.49 18.68
C TYR A 123 -23.53 -7.22 18.74
N VAL A 124 -22.48 -6.49 19.04
CA VAL A 124 -21.15 -7.09 19.09
C VAL A 124 -20.80 -7.52 20.50
N ALA A 125 -20.62 -8.83 20.69
CA ALA A 125 -20.28 -9.38 21.99
C ALA A 125 -18.81 -9.79 22.07
N SER A 126 -18.26 -10.24 20.96
CA SER A 126 -16.86 -10.66 20.90
C SER A 126 -16.17 -10.10 19.67
N ALA A 127 -14.83 -10.08 19.69
CA ALA A 127 -14.06 -9.59 18.55
C ALA A 127 -12.82 -10.47 18.30
N VAL A 128 -12.56 -10.78 17.04
CA VAL A 128 -11.44 -11.66 16.67
C VAL A 128 -10.21 -10.85 16.27
N THR A 129 -9.03 -11.30 16.69
CA THR A 129 -7.77 -10.66 16.27
C THR A 129 -7.72 -10.55 14.75
N PRO A 130 -7.23 -9.41 14.24
CA PRO A 130 -6.54 -8.33 14.96
C PRO A 130 -7.41 -7.48 15.89
N LEU A 131 -8.71 -7.73 15.92
CA LEU A 131 -9.62 -6.99 16.79
C LEU A 131 -9.55 -7.49 18.22
N ARG A 132 -9.64 -6.58 19.18
CA ARG A 132 -9.79 -6.98 20.57
C ARG A 132 -10.75 -6.08 21.35
N LEU A 133 -11.78 -6.70 21.93
CA LEU A 133 -12.74 -6.02 22.80
C LEU A 133 -12.50 -6.34 24.26
N ASN A 134 -12.29 -5.30 25.06
CA ASN A 134 -12.18 -5.46 26.51
C ASN A 134 -13.59 -5.52 27.13
N SER A 135 -14.06 -6.74 27.39
CA SER A 135 -15.41 -6.95 27.92
C SER A 135 -15.75 -6.05 29.10
N SER A 136 -14.73 -5.51 29.75
CA SER A 136 -14.94 -4.71 30.96
C SER A 136 -15.02 -3.21 30.67
N THR A 137 -14.12 -2.72 29.83
CA THR A 137 -14.11 -1.30 29.50
C THR A 137 -15.14 -0.96 28.43
N LYS A 138 -15.75 -1.99 27.85
CA LYS A 138 -16.67 -1.82 26.74
C LYS A 138 -15.97 -1.07 25.60
N VAL A 139 -14.66 -1.30 25.50
CA VAL A 139 -13.82 -0.60 24.53
C VAL A 139 -13.20 -1.55 23.51
N LEU A 140 -13.41 -1.24 22.23
CA LEU A 140 -12.85 -2.02 21.14
C LEU A 140 -11.70 -1.29 20.46
N ASP A 141 -10.65 -2.03 20.10
CA ASP A 141 -9.54 -1.48 19.33
C ASP A 141 -8.85 -2.57 18.49
N MET A 142 -7.79 -2.17 17.79
CA MET A 142 -7.17 -3.02 16.78
C MET A 142 -5.67 -3.24 17.02
N LEU A 143 -5.19 -4.43 16.67
CA LEU A 143 -3.78 -4.78 16.84
C LEU A 143 -3.01 -4.59 15.53
N ILE A 144 -2.32 -3.48 15.38
CA ILE A 144 -1.52 -3.22 14.18
C ILE A 144 -0.03 -3.46 14.42
N ASP A 145 0.68 -3.92 13.40
CA ASP A 145 2.14 -4.02 13.45
C ASP A 145 2.75 -2.64 13.16
N SER A 146 3.33 -2.04 14.19
CA SER A 146 3.84 -0.67 14.10
C SER A 146 4.95 -0.51 13.05
N SER A 147 5.58 -1.61 12.67
CA SER A 147 6.71 -1.55 11.73
C SER A 147 6.23 -1.32 10.30
N THR A 148 5.11 -1.93 9.94
CA THR A 148 4.59 -1.88 8.58
C THR A 148 3.41 -0.92 8.43
N LEU A 149 2.63 -0.77 9.50
CA LEU A 149 1.40 0.04 9.46
C LEU A 149 1.33 1.15 10.51
N GLU A 150 0.67 2.24 10.16
CA GLU A 150 0.53 3.39 11.06
C GLU A 150 -0.82 4.07 10.87
N ILE A 151 -1.13 5.04 11.74
CA ILE A 151 -2.38 5.78 11.65
C ILE A 151 -2.15 7.20 11.14
N ASN A 152 -2.93 7.60 10.14
CA ASN A 152 -2.90 8.98 9.64
C ASN A 152 -3.02 9.99 10.77
N SER A 153 -2.70 11.24 10.47
CA SER A 153 -3.01 12.34 11.38
C SER A 153 -4.51 12.55 11.28
N SER A 154 -5.07 12.10 10.17
CA SER A 154 -6.51 12.15 9.92
C SER A 154 -7.19 10.90 10.47
N GLY A 155 -6.49 10.17 11.32
CA GLY A 155 -7.04 8.99 11.96
C GLY A 155 -7.23 7.79 11.04
N GLN A 156 -6.72 7.90 9.80
CA GLN A 156 -6.83 6.82 8.83
C GLN A 156 -5.75 5.76 9.06
N LEU A 157 -5.98 4.56 8.52
CA LEU A 157 -4.96 3.53 8.51
C LEU A 157 -4.20 3.58 7.19
N THR A 158 -2.88 3.50 7.25
CA THR A 158 -2.06 3.57 6.05
C THR A 158 -0.75 2.80 6.23
N VAL A 159 -0.16 2.37 5.11
CA VAL A 159 1.11 1.64 5.11
C VAL A 159 2.29 2.57 5.33
N ARG A 160 3.17 2.20 6.26
CA ARG A 160 4.40 2.95 6.48
C ARG A 160 5.18 3.02 5.18
N SER A 161 5.47 4.23 4.72
CA SER A 161 6.34 4.39 3.56
C SER A 161 7.78 4.08 3.93
N THR A 162 8.34 3.03 3.35
CA THR A 162 9.70 2.62 3.65
C THR A 162 10.64 2.95 2.50
N SER A 163 11.78 3.55 2.82
CA SER A 163 12.82 3.78 1.82
C SER A 163 13.34 2.44 1.32
N PRO A 164 13.42 2.28 -0.01
CA PRO A 164 13.84 1.02 -0.63
C PRO A 164 15.36 0.91 -0.63
N ASN A 165 15.87 -0.32 -0.58
CA ASN A 165 17.32 -0.54 -0.50
C ASN A 165 18.06 -0.49 -1.85
N LEU A 166 18.88 0.55 -2.08
CA LEU A 166 19.51 0.74 -3.39
C LEU A 166 21.04 0.60 -3.43
N ARG A 167 21.55 -0.15 -4.40
CA ARG A 167 23.00 -0.31 -4.61
C ARG A 167 23.46 0.51 -5.82
N TYR A 168 24.49 1.32 -5.61
CA TYR A 168 25.14 2.03 -6.71
C TYR A 168 25.40 1.03 -7.83
N PRO A 169 25.27 1.47 -9.10
CA PRO A 169 24.95 2.83 -9.53
C PRO A 169 23.46 3.19 -9.46
N ILE A 170 22.62 2.37 -8.83
CA ILE A 170 21.22 2.77 -8.62
C ILE A 170 21.10 3.62 -7.37
N ALA A 171 20.33 4.68 -7.44
CA ALA A 171 20.32 5.64 -6.35
C ALA A 171 19.07 6.51 -6.31
N ASP A 172 18.86 7.16 -5.17
CA ASP A 172 17.82 8.17 -5.09
C ASP A 172 18.21 9.38 -5.92
N VAL A 173 17.59 9.53 -7.08
CA VAL A 173 17.74 10.74 -7.86
C VAL A 173 16.54 11.63 -7.60
N SER A 174 16.77 12.73 -6.89
CA SER A 174 15.72 13.68 -6.57
C SER A 174 14.35 13.04 -6.26
N GLY A 175 14.30 12.23 -5.19
CA GLY A 175 13.04 11.69 -4.73
C GLY A 175 12.76 10.26 -5.15
N GLY A 176 13.10 9.92 -6.39
CA GLY A 176 12.78 8.59 -6.89
C GLY A 176 13.98 7.67 -7.01
N ILE A 177 13.70 6.42 -7.37
CA ILE A 177 14.74 5.48 -7.76
C ILE A 177 15.19 5.83 -9.17
N GLY A 178 16.48 6.15 -9.33
CA GLY A 178 17.03 6.49 -10.63
C GLY A 178 18.43 5.96 -10.85
N MET A 179 19.19 6.64 -11.71
CA MET A 179 20.57 6.24 -12.01
C MET A 179 21.54 7.35 -11.60
N SER A 180 22.46 6.99 -10.72
CA SER A 180 23.44 7.93 -10.19
C SER A 180 24.07 8.75 -11.29
N PRO A 181 23.86 10.06 -11.28
CA PRO A 181 24.49 10.89 -12.31
C PRO A 181 25.99 10.65 -12.38
N ASN A 182 26.57 10.17 -11.29
CA ASN A 182 28.02 9.99 -11.23
C ASN A 182 28.47 8.79 -12.06
N TYR A 183 27.65 7.76 -12.09
CA TYR A 183 27.87 6.62 -12.97
C TYR A 183 27.78 7.05 -14.44
N ARG A 184 26.82 7.93 -14.74
CA ARG A 184 26.54 8.38 -16.11
C ARG A 184 27.60 9.33 -16.67
N PHE A 185 28.27 10.08 -15.81
CA PHE A 185 29.33 10.99 -16.25
C PHE A 185 30.21 11.53 -15.12
N ARG A 186 31.51 11.36 -15.29
CA ARG A 186 32.49 11.79 -14.31
C ARG A 186 33.69 12.25 -15.11
N GLN A 187 34.13 13.48 -14.84
CA GLN A 187 35.27 14.05 -15.54
C GLN A 187 36.46 14.26 -14.62
N SER A 188 37.63 13.89 -15.09
CA SER A 188 38.85 14.12 -14.34
C SER A 188 40.01 14.42 -15.27
N MET A 189 41.21 14.33 -14.74
CA MET A 189 42.39 14.72 -15.49
C MET A 189 43.59 13.84 -15.09
N TRP A 190 44.58 13.76 -15.97
CA TRP A 190 45.80 13.04 -15.66
C TRP A 190 47.01 13.81 -16.16
N ILE A 191 47.95 14.08 -15.27
CA ILE A 191 49.19 14.74 -15.64
C ILE A 191 50.30 13.80 -15.25
N GLY A 192 50.95 13.20 -16.23
CA GLY A 192 51.80 12.05 -15.93
C GLY A 192 52.77 11.70 -17.03
N ILE A 193 53.38 10.53 -16.90
CA ILE A 193 54.48 10.15 -17.78
C ILE A 193 54.07 9.03 -18.71
N VAL A 194 54.39 9.20 -19.97
CA VAL A 194 54.21 8.16 -20.97
C VAL A 194 55.58 7.63 -21.37
N SER A 195 55.77 6.31 -21.28
CA SER A 195 57.09 5.75 -21.50
C SER A 195 57.03 4.83 -22.69
N TYR A 196 57.93 5.04 -23.65
CA TYR A 196 58.05 4.08 -24.73
C TYR A 196 59.22 3.13 -24.44
N SER A 197 59.05 1.89 -24.89
CA SER A 197 60.08 0.89 -24.80
C SER A 197 59.83 -0.18 -25.86
N GLY A 198 60.82 -0.38 -26.72
CA GLY A 198 60.77 -1.42 -27.72
C GLY A 198 62.18 -1.81 -28.13
N SER A 199 62.42 -3.12 -28.19
CA SER A 199 63.77 -3.65 -28.37
C SER A 199 64.89 -2.62 -28.18
N GLY A 200 65.11 -2.21 -26.93
CA GLY A 200 66.24 -1.35 -26.60
C GLY A 200 66.11 0.14 -26.86
N LEU A 201 64.92 0.58 -27.23
CA LEU A 201 64.71 2.01 -27.34
C LEU A 201 63.93 2.44 -26.10
N ASN A 202 64.33 3.56 -25.53
CA ASN A 202 63.66 4.07 -24.34
C ASN A 202 63.60 5.57 -24.29
N TRP A 203 62.45 6.09 -23.86
CA TRP A 203 62.28 7.51 -23.60
C TRP A 203 60.94 7.73 -22.93
N ARG A 204 60.80 8.91 -22.34
N ARG A 204 60.80 8.90 -22.32
CA ARG A 204 59.57 9.24 -21.65
CA ARG A 204 59.61 9.25 -21.54
C ARG A 204 59.07 10.57 -22.19
C ARG A 204 59.18 10.69 -21.87
N VAL A 205 57.89 10.96 -21.74
CA VAL A 205 57.32 12.24 -22.14
C VAL A 205 56.24 12.65 -21.15
N GLN A 206 56.13 13.93 -20.87
CA GLN A 206 55.08 14.41 -19.98
C GLN A 206 53.85 14.83 -20.78
N VAL A 207 52.69 14.27 -20.45
CA VAL A 207 51.45 14.69 -21.12
C VAL A 207 50.38 15.16 -20.15
N ASN A 208 49.49 15.99 -20.68
CA ASN A 208 48.33 16.48 -19.94
C ASN A 208 47.04 15.92 -20.55
N SER A 209 46.32 15.10 -19.83
CA SER A 209 45.20 14.45 -20.49
C SER A 209 43.88 14.44 -19.73
N ASP A 210 42.82 14.68 -20.48
CA ASP A 210 41.49 14.59 -19.92
C ASP A 210 41.14 13.14 -19.71
N ILE A 211 40.42 12.87 -18.64
CA ILE A 211 39.88 11.55 -18.42
C ILE A 211 38.37 11.63 -18.27
N PHE A 212 37.65 10.80 -19.01
CA PHE A 212 36.20 10.72 -18.85
C PHE A 212 35.76 9.32 -18.44
N ILE A 213 34.90 9.24 -17.45
CA ILE A 213 34.28 7.96 -17.11
C ILE A 213 32.78 8.00 -17.40
N VAL A 214 32.33 7.07 -18.22
CA VAL A 214 30.95 7.08 -18.66
C VAL A 214 30.42 5.66 -18.67
N ASP A 215 29.36 5.45 -17.92
CA ASP A 215 28.87 4.11 -17.62
C ASP A 215 30.01 3.16 -17.19
N ASP A 216 30.21 2.06 -17.90
CA ASP A 216 31.21 1.10 -17.48
C ASP A 216 32.54 1.17 -18.27
N TYR A 217 32.77 2.30 -18.93
CA TYR A 217 34.00 2.53 -19.71
C TYR A 217 34.78 3.72 -19.17
N ILE A 218 36.10 3.65 -19.26
CA ILE A 218 36.95 4.81 -19.02
C ILE A 218 37.63 5.26 -20.31
N HIS A 219 37.81 6.58 -20.43
CA HIS A 219 38.40 7.16 -21.63
C HIS A 219 39.56 8.07 -21.29
N ILE A 220 40.74 7.66 -21.71
CA ILE A 220 41.92 8.50 -21.59
C ILE A 220 42.16 9.18 -22.93
N CYS A 221 42.05 10.50 -22.94
CA CYS A 221 42.22 11.28 -24.17
C CYS A 221 43.57 11.98 -24.23
N LEU A 222 44.60 11.27 -24.70
CA LEU A 222 45.96 11.78 -24.83
C LEU A 222 46.12 12.86 -25.88
N PRO A 223 46.88 13.91 -25.57
CA PRO A 223 47.23 14.92 -26.55
C PRO A 223 48.32 14.43 -27.52
N ALA A 224 48.53 15.19 -28.59
CA ALA A 224 49.63 14.88 -29.47
C ALA A 224 50.93 15.09 -28.71
N PHE A 225 51.94 14.27 -28.99
CA PHE A 225 53.23 14.48 -28.34
C PHE A 225 54.41 14.06 -29.24
N ASP A 226 55.60 14.51 -28.86
CA ASP A 226 56.83 14.19 -29.56
C ASP A 226 57.68 13.23 -28.74
N GLY A 227 58.30 12.30 -29.43
CA GLY A 227 59.18 11.33 -28.79
C GLY A 227 60.32 11.00 -29.72
N PHE A 228 61.02 9.93 -29.43
CA PHE A 228 62.20 9.61 -30.20
C PHE A 228 61.96 8.35 -31.02
N SER A 229 63.02 7.65 -31.38
CA SER A 229 62.89 6.52 -32.29
C SER A 229 62.02 5.43 -31.69
N ILE A 230 61.17 4.84 -32.52
CA ILE A 230 60.41 3.68 -32.10
C ILE A 230 60.95 2.45 -32.83
N ALA A 231 60.65 1.29 -32.29
CA ALA A 231 60.98 0.04 -32.96
C ALA A 231 59.81 -0.48 -33.77
N ASP A 232 60.06 -1.48 -34.60
CA ASP A 232 59.00 -2.17 -35.31
C ASP A 232 57.85 -2.52 -34.36
N GLY A 233 58.21 -3.01 -33.18
CA GLY A 233 57.24 -3.31 -32.13
C GLY A 233 57.72 -2.81 -30.76
N GLY A 234 56.78 -2.41 -29.92
CA GLY A 234 57.14 -1.89 -28.62
C GLY A 234 55.92 -1.55 -27.80
N ASP A 235 56.16 -1.07 -26.58
CA ASP A 235 55.09 -0.81 -25.64
C ASP A 235 55.10 0.64 -25.26
N LEU A 236 53.90 1.19 -25.10
CA LEU A 236 53.73 2.53 -24.60
C LEU A 236 53.12 2.37 -23.22
N SER A 237 53.56 3.16 -22.27
CA SER A 237 53.13 2.94 -20.88
C SER A 237 52.64 4.20 -20.20
N LEU A 238 51.42 4.13 -19.71
CA LEU A 238 50.83 5.24 -18.99
C LEU A 238 50.87 4.90 -17.51
N ASN A 239 51.58 5.72 -16.75
CA ASN A 239 51.79 5.46 -15.35
C ASN A 239 50.78 6.24 -14.56
N PHE A 240 49.79 5.54 -14.00
CA PHE A 240 48.73 6.20 -13.23
C PHE A 240 49.01 6.17 -11.74
N VAL A 241 50.09 5.51 -11.36
CA VAL A 241 50.46 5.51 -9.95
C VAL A 241 50.56 6.95 -9.42
N THR A 242 51.03 7.87 -10.26
CA THR A 242 51.04 9.29 -9.90
C THR A 242 50.38 10.14 -10.97
N GLY A 243 49.75 11.23 -10.56
CA GLY A 243 49.33 12.25 -11.51
C GLY A 243 47.84 12.42 -11.75
N LEU A 244 47.03 11.48 -11.28
CA LEU A 244 45.58 11.60 -11.38
C LEU A 244 45.05 12.70 -10.47
N LEU A 245 44.08 13.47 -10.96
CA LEU A 245 43.47 14.54 -10.20
C LEU A 245 42.48 14.01 -9.15
N PRO A 246 42.69 14.36 -7.87
CA PRO A 246 41.74 14.00 -6.81
C PRO A 246 40.33 14.36 -7.24
N PRO A 247 39.33 13.54 -6.90
CA PRO A 247 39.37 12.40 -5.99
C PRO A 247 39.62 11.06 -6.70
N LEU A 248 40.03 11.11 -7.96
CA LEU A 248 40.32 9.88 -8.70
C LEU A 248 41.56 9.18 -8.15
N LEU A 249 41.57 7.85 -8.23
CA LEU A 249 42.65 7.07 -7.67
C LEU A 249 43.19 6.05 -8.66
N THR A 250 44.40 5.57 -8.43
CA THR A 250 45.00 4.65 -9.36
C THR A 250 44.09 3.45 -9.65
N GLY A 251 43.38 2.99 -8.63
CA GLY A 251 42.51 1.84 -8.77
C GLY A 251 41.34 2.11 -9.69
N ASP A 252 41.02 3.39 -9.87
CA ASP A 252 39.92 3.78 -10.75
C ASP A 252 40.26 3.63 -12.24
N THR A 253 41.52 3.28 -12.53
CA THR A 253 41.94 3.04 -13.90
C THR A 253 42.12 1.55 -14.18
N GLU A 254 41.62 0.70 -13.30
CA GLU A 254 41.79 -0.73 -13.54
C GLU A 254 40.71 -1.25 -14.49
N PRO A 255 41.12 -1.98 -15.52
CA PRO A 255 40.14 -2.56 -16.45
C PRO A 255 39.28 -3.59 -15.73
N ALA A 256 38.10 -3.85 -16.29
CA ALA A 256 37.21 -4.88 -15.79
C ALA A 256 37.84 -6.26 -15.96
N PHE A 257 38.67 -6.41 -16.98
CA PHE A 257 39.44 -7.64 -17.19
C PHE A 257 40.68 -7.61 -16.31
N HIS A 258 40.69 -6.68 -15.36
CA HIS A 258 41.77 -6.56 -14.39
C HIS A 258 43.12 -6.57 -15.09
N ASN A 259 43.97 -7.53 -14.75
CA ASN A 259 45.30 -7.55 -15.35
C ASN A 259 45.56 -8.69 -16.34
N ASP A 260 44.49 -9.23 -16.94
CA ASP A 260 44.68 -10.21 -18.01
C ASP A 260 45.48 -9.57 -19.12
N VAL A 261 45.87 -10.38 -20.09
CA VAL A 261 46.48 -9.81 -21.29
C VAL A 261 45.48 -9.85 -22.43
N VAL A 262 45.39 -8.74 -23.16
CA VAL A 262 44.32 -8.59 -24.12
C VAL A 262 44.78 -7.95 -25.42
N THR A 263 43.90 -7.95 -26.40
CA THR A 263 44.10 -7.17 -27.60
C THR A 263 42.84 -6.32 -27.79
N TYR A 264 42.64 -5.40 -26.85
CA TYR A 264 41.39 -4.64 -26.75
C TYR A 264 41.50 -3.25 -27.37
N GLY A 265 40.52 -2.92 -28.21
CA GLY A 265 40.44 -1.60 -28.83
C GLY A 265 41.50 -1.36 -29.90
N ALA A 266 41.95 -2.46 -30.52
CA ALA A 266 42.97 -2.37 -31.55
C ALA A 266 42.55 -1.40 -32.64
N GLN A 267 43.42 -0.45 -32.95
CA GLN A 267 43.15 0.60 -33.92
C GLN A 267 44.44 0.92 -34.69
N THR A 268 44.32 1.80 -35.66
CA THR A 268 45.44 2.17 -36.51
C THR A 268 45.68 3.67 -36.33
N VAL A 269 46.94 4.04 -36.16
CA VAL A 269 47.31 5.44 -35.95
C VAL A 269 48.48 5.82 -36.81
N ALA A 270 48.68 7.10 -37.06
CA ALA A 270 49.79 7.47 -37.93
C ALA A 270 50.83 8.32 -37.21
N ILE A 271 52.09 7.95 -37.38
CA ILE A 271 53.16 8.59 -36.63
C ILE A 271 54.22 9.12 -37.58
N GLY A 272 54.50 10.42 -37.45
CA GLY A 272 55.54 11.07 -38.23
C GLY A 272 56.92 10.65 -37.75
N LEU A 273 57.71 10.07 -38.66
CA LEU A 273 59.08 9.68 -38.37
C LEU A 273 60.03 10.54 -39.19
N SER A 274 61.14 10.93 -38.60
CA SER A 274 62.07 11.83 -39.24
C SER A 274 63.45 11.81 -38.59
N SER A 275 64.40 12.43 -39.28
CA SER A 275 65.71 12.67 -38.71
C SER A 275 65.96 14.17 -38.76
N GLY A 276 64.91 14.94 -38.51
CA GLY A 276 64.97 16.38 -38.47
C GLY A 276 64.43 17.04 -39.73
N GLY A 277 64.22 16.27 -40.79
CA GLY A 277 63.64 16.80 -42.01
C GLY A 277 62.13 16.69 -42.02
N THR A 278 61.55 16.75 -43.20
CA THR A 278 60.12 16.46 -43.38
C THR A 278 59.78 15.03 -42.96
N PRO A 279 58.89 14.90 -41.96
CA PRO A 279 58.62 13.54 -41.48
C PRO A 279 57.84 12.70 -42.47
N GLN A 280 58.11 11.41 -42.48
CA GLN A 280 57.30 10.47 -43.21
C GLN A 280 56.28 9.84 -42.26
N TYR A 281 55.01 9.79 -42.65
CA TYR A 281 54.01 9.22 -41.74
C TYR A 281 53.84 7.70 -41.88
N MET A 282 54.01 7.00 -40.77
CA MET A 282 53.88 5.54 -40.77
C MET A 282 52.60 5.12 -40.03
N SER A 283 51.88 4.20 -40.65
CA SER A 283 50.71 3.63 -40.02
C SER A 283 51.16 2.52 -39.09
N LYS A 284 50.64 2.52 -37.87
CA LYS A 284 51.03 1.54 -36.87
C LYS A 284 49.79 1.04 -36.18
N ASN A 285 49.87 -0.17 -35.66
CA ASN A 285 48.76 -0.82 -34.99
C ASN A 285 48.93 -0.61 -33.48
N LEU A 286 47.93 -0.02 -32.83
CA LEU A 286 48.00 0.26 -31.39
C LEU A 286 46.83 -0.38 -30.66
N TRP A 287 47.11 -1.04 -29.53
CA TRP A 287 46.01 -1.54 -28.71
C TRP A 287 46.31 -1.57 -27.22
N VAL A 288 45.26 -1.79 -26.43
CA VAL A 288 45.40 -1.93 -24.99
C VAL A 288 45.78 -3.38 -24.72
N GLU A 289 46.92 -3.55 -24.06
CA GLU A 289 47.56 -4.85 -23.95
C GLU A 289 47.35 -5.39 -22.55
N GLN A 290 47.63 -4.55 -21.55
CA GLN A 290 47.58 -4.99 -20.15
C GLN A 290 47.78 -3.86 -19.12
N TRP A 291 47.01 -3.96 -18.03
CA TRP A 291 47.09 -3.06 -16.89
C TRP A 291 47.65 -3.86 -15.73
N GLN A 292 48.63 -3.28 -15.03
CA GLN A 292 49.36 -3.96 -13.98
C GLN A 292 49.86 -2.92 -13.00
N ASP A 293 49.43 -2.99 -11.74
CA ASP A 293 49.89 -2.05 -10.71
C ASP A 293 49.74 -0.59 -11.13
N GLY A 294 48.59 -0.21 -11.67
CA GLY A 294 48.38 1.19 -12.00
C GLY A 294 49.15 1.66 -13.22
N VAL A 295 49.77 0.73 -13.93
CA VAL A 295 50.41 1.08 -15.20
C VAL A 295 49.73 0.39 -16.36
N LEU A 296 49.17 1.18 -17.26
CA LEU A 296 48.52 0.66 -18.45
C LEU A 296 49.47 0.55 -19.65
N ARG A 297 49.64 -0.66 -20.17
CA ARG A 297 50.50 -0.87 -21.34
C ARG A 297 49.76 -0.92 -22.69
N LEU A 298 50.15 -0.07 -23.61
CA LEU A 298 49.67 -0.14 -24.99
C LEU A 298 50.72 -0.73 -25.93
N ARG A 299 50.33 -1.71 -26.74
CA ARG A 299 51.20 -2.22 -27.78
C ARG A 299 51.15 -1.32 -29.02
N VAL A 300 52.31 -1.11 -29.64
CA VAL A 300 52.44 -0.28 -30.84
C VAL A 300 53.30 -1.07 -31.80
N GLU A 301 52.74 -1.51 -32.93
CA GLU A 301 53.47 -2.38 -33.84
C GLU A 301 52.87 -2.46 -35.25
N GLY A 302 53.60 -3.12 -36.15
CA GLY A 302 53.15 -3.27 -37.53
C GLY A 302 53.54 -2.10 -38.41
N GLY A 303 53.39 -2.27 -39.73
CA GLY A 303 53.52 -1.16 -40.65
C GLY A 303 54.88 -0.97 -41.32
N GLY A 304 55.87 -1.75 -40.91
CA GLY A 304 57.19 -1.56 -41.48
C GLY A 304 57.84 -0.29 -40.98
N SER A 305 59.15 -0.19 -41.15
CA SER A 305 59.88 0.90 -40.53
C SER A 305 60.89 1.56 -41.46
N ILE A 306 61.74 2.36 -40.86
CA ILE A 306 62.52 3.31 -41.59
C ILE A 306 63.44 3.86 -40.54
N THR A 307 64.66 4.16 -40.93
CA THR A 307 65.63 4.74 -40.02
C THR A 307 65.14 6.14 -39.65
N HIS A 308 65.11 6.42 -38.36
CA HIS A 308 64.59 7.70 -37.89
C HIS A 308 65.06 7.97 -36.47
N SER A 309 65.03 9.23 -36.07
CA SER A 309 65.52 9.61 -34.75
C SER A 309 64.49 10.39 -33.94
N ASN A 310 63.38 10.76 -34.58
CA ASN A 310 62.34 11.54 -33.92
C ASN A 310 60.95 11.02 -34.32
N SER A 311 60.00 11.09 -33.40
CA SER A 311 58.66 10.66 -33.72
C SER A 311 57.62 11.70 -33.34
N LYS A 312 56.66 11.89 -34.23
CA LYS A 312 55.59 12.84 -33.96
C LYS A 312 54.27 12.08 -33.82
N TRP A 313 53.88 11.80 -32.58
CA TRP A 313 52.67 11.04 -32.27
C TRP A 313 51.43 11.94 -32.32
N PRO A 314 50.30 11.40 -32.73
CA PRO A 314 49.09 12.24 -32.80
C PRO A 314 48.33 12.11 -31.51
N ALA A 315 47.29 12.92 -31.33
CA ALA A 315 46.36 12.70 -30.25
C ALA A 315 45.72 11.31 -30.42
N MET A 316 45.59 10.57 -29.33
CA MET A 316 44.97 9.25 -29.34
C MET A 316 44.10 9.10 -28.11
N THR A 317 42.85 8.71 -28.30
CA THR A 317 41.99 8.38 -27.19
C THR A 317 42.03 6.87 -26.98
N VAL A 318 42.13 6.46 -25.72
CA VAL A 318 42.19 5.05 -25.36
C VAL A 318 41.05 4.70 -24.40
N SER A 319 40.23 3.70 -24.78
CA SER A 319 39.04 3.31 -24.03
C SER A 319 39.04 1.85 -23.64
N TYR A 320 38.52 1.54 -22.46
CA TYR A 320 38.37 0.15 -22.04
C TYR A 320 37.33 0.00 -20.93
N PRO A 321 36.73 -1.19 -20.81
CA PRO A 321 35.72 -1.33 -19.75
C PRO A 321 36.38 -1.27 -18.39
N ARG A 322 35.74 -0.61 -17.43
CA ARG A 322 36.34 -0.32 -16.13
C ARG A 322 35.85 -1.24 -15.02
N SER A 323 36.72 -1.45 -14.05
CA SER A 323 36.47 -2.36 -12.93
C SER A 323 35.42 -1.78 -11.98
N PHE A 324 34.68 -2.65 -11.30
CA PHE A 324 33.71 -2.22 -10.30
C PHE A 324 33.58 -3.19 -9.13
N THR A 325 32.96 -2.72 -8.05
CA THR A 325 32.69 -3.58 -6.89
C THR A 325 31.22 -4.02 -6.86
N SER B 31 -94.22 2.38 92.52
CA SER B 31 -93.99 3.01 91.22
C SER B 31 -95.26 3.63 90.63
N GLY B 32 -95.37 4.95 90.71
CA GLY B 32 -96.53 5.66 90.20
C GLY B 32 -96.39 6.07 88.74
N ARG B 33 -95.57 5.33 88.00
CA ARG B 33 -95.40 5.58 86.58
C ARG B 33 -96.51 4.91 85.78
N PRO B 34 -97.37 5.73 85.14
CA PRO B 34 -98.53 5.29 84.36
C PRO B 34 -98.29 4.01 83.54
N VAL B 35 -97.24 3.98 82.74
CA VAL B 35 -96.94 2.78 81.97
C VAL B 35 -95.55 2.23 82.30
N LEU B 36 -95.51 1.01 82.84
CA LEU B 36 -94.23 0.36 83.12
C LEU B 36 -93.76 -0.48 81.94
N ASN B 37 -92.73 0.01 81.25
CA ASN B 37 -92.16 -0.71 80.13
C ASN B 37 -91.60 -2.08 80.51
N GLN B 38 -92.02 -3.11 79.79
CA GLN B 38 -91.42 -4.43 79.94
C GLN B 38 -90.88 -4.81 78.57
N GLY B 39 -89.70 -5.44 78.55
CA GLY B 39 -89.04 -5.79 77.30
C GLY B 39 -88.33 -4.59 76.67
N VAL B 40 -87.95 -4.74 75.40
CA VAL B 40 -87.26 -3.68 74.69
C VAL B 40 -88.23 -2.71 74.05
N THR B 41 -88.12 -1.42 74.36
CA THR B 41 -89.07 -0.45 73.83
C THR B 41 -88.42 0.62 73.01
N SER B 42 -87.11 0.50 72.82
CA SER B 42 -86.40 1.41 71.96
C SER B 42 -85.06 0.83 71.57
N ALA B 43 -84.55 1.26 70.43
CA ALA B 43 -83.25 0.83 69.97
C ALA B 43 -82.58 2.00 69.30
N GLY B 44 -81.27 1.92 69.11
CA GLY B 44 -80.53 2.92 68.35
C GLY B 44 -80.14 2.45 66.96
N ALA B 45 -79.88 3.39 66.06
CA ALA B 45 -79.42 3.04 64.72
C ALA B 45 -78.17 2.19 64.83
N PRO B 46 -78.04 1.17 63.95
CA PRO B 46 -78.86 0.80 62.80
C PRO B 46 -80.08 -0.03 63.14
N LEU B 47 -80.39 -0.11 64.43
CA LEU B 47 -81.60 -0.80 64.87
C LEU B 47 -82.81 0.11 64.70
N SER B 48 -83.94 -0.44 64.29
CA SER B 48 -85.21 0.33 64.26
C SER B 48 -86.45 -0.53 64.45
N ILE B 49 -87.42 0.04 65.17
CA ILE B 49 -88.69 -0.59 65.46
C ILE B 49 -89.83 0.09 64.73
N ARG B 50 -90.67 -0.72 64.08
CA ARG B 50 -91.83 -0.23 63.33
C ARG B 50 -92.97 -1.23 63.50
N ASN B 51 -94.05 -0.82 64.13
CA ASN B 51 -95.15 -1.75 64.39
C ASN B 51 -94.71 -2.92 65.28
N ASN B 52 -93.88 -2.64 66.29
CA ASN B 52 -93.40 -3.67 67.22
C ASN B 52 -92.47 -4.71 66.63
N ARG B 53 -92.01 -4.49 65.39
CA ARG B 53 -91.00 -5.36 64.80
C ARG B 53 -89.66 -4.64 64.85
N MET B 54 -88.56 -5.38 64.93
CA MET B 54 -87.27 -4.73 64.84
C MET B 54 -86.54 -5.17 63.58
N THR B 55 -85.89 -4.22 62.93
CA THR B 55 -85.09 -4.52 61.75
C THR B 55 -83.80 -3.70 61.76
N MET B 56 -82.91 -3.99 60.82
CA MET B 56 -81.59 -3.39 60.79
C MET B 56 -81.28 -2.89 59.38
N GLY B 57 -81.11 -1.58 59.22
CA GLY B 57 -80.77 -1.01 57.92
C GLY B 57 -79.37 -1.33 57.44
N LEU B 58 -79.24 -1.72 56.17
CA LEU B 58 -77.94 -2.11 55.60
C LEU B 58 -77.56 -1.28 54.37
N ASN B 59 -76.36 -0.72 54.36
CA ASN B 59 -75.87 -0.05 53.15
C ASN B 59 -75.29 -1.06 52.16
N ASP B 60 -74.88 -0.58 51.00
CA ASP B 60 -74.32 -1.48 50.00
C ASP B 60 -73.03 -2.03 50.54
N GLY B 61 -72.88 -3.35 50.49
CA GLY B 61 -71.67 -3.99 50.95
C GLY B 61 -72.02 -4.97 52.04
N LEU B 62 -73.17 -4.74 52.65
CA LEU B 62 -73.70 -5.66 53.62
C LEU B 62 -75.07 -6.13 53.13
N THR B 63 -75.32 -7.43 53.29
CA THR B 63 -76.52 -8.02 52.74
C THR B 63 -76.95 -9.28 53.49
N LEU B 64 -78.07 -9.86 53.08
CA LEU B 64 -78.54 -11.10 53.69
C LEU B 64 -78.19 -12.29 52.84
N SER B 65 -77.72 -13.35 53.49
CA SER B 65 -77.52 -14.62 52.83
C SER B 65 -78.14 -15.67 53.69
N GLY B 66 -79.20 -16.28 53.20
CA GLY B 66 -80.08 -17.08 54.04
C GLY B 66 -80.70 -16.05 54.95
N ASN B 67 -80.63 -16.25 56.25
CA ASN B 67 -81.08 -15.19 57.14
C ASN B 67 -79.96 -14.52 57.92
N ASN B 68 -78.74 -14.63 57.40
CA ASN B 68 -77.55 -14.09 58.06
C ASN B 68 -77.00 -12.82 57.45
N LEU B 69 -76.41 -11.98 58.30
CA LEU B 69 -75.72 -10.81 57.81
C LEU B 69 -74.51 -11.28 57.04
N ALA B 70 -74.21 -10.62 55.92
CA ALA B 70 -73.17 -11.09 54.99
C ALA B 70 -72.53 -9.93 54.23
N ILE B 71 -71.29 -10.12 53.80
CA ILE B 71 -70.61 -9.12 52.98
C ILE B 71 -70.87 -9.36 51.47
N ARG B 72 -71.40 -8.35 50.77
CA ARG B 72 -71.62 -8.45 49.32
C ARG B 72 -70.44 -7.98 48.48
N LEU B 73 -69.91 -8.91 47.67
CA LEU B 73 -68.78 -8.66 46.78
C LEU B 73 -69.15 -8.76 45.30
N PRO B 74 -69.74 -7.69 44.74
CA PRO B 74 -70.21 -7.72 43.35
C PRO B 74 -69.07 -7.94 42.38
N GLY B 75 -69.23 -8.91 41.49
CA GLY B 75 -68.28 -9.11 40.40
C GLY B 75 -67.04 -9.90 40.76
N ASN B 76 -65.92 -9.51 40.16
CA ASN B 76 -64.63 -10.11 40.43
C ASN B 76 -63.56 -9.05 40.45
N THR B 77 -63.30 -8.49 41.62
CA THR B 77 -62.26 -7.49 41.75
C THR B 77 -61.08 -8.00 42.60
N GLY B 78 -61.04 -9.32 42.80
CA GLY B 78 -59.96 -9.94 43.55
C GLY B 78 -60.32 -10.25 44.99
N LEU B 79 -61.42 -9.66 45.47
CA LEU B 79 -61.93 -9.95 46.81
C LEU B 79 -62.83 -11.18 46.77
N ASN B 80 -62.87 -11.94 47.85
CA ASN B 80 -63.73 -13.12 47.92
C ASN B 80 -63.92 -13.63 49.35
N ILE B 81 -65.13 -14.13 49.66
CA ILE B 81 -65.37 -14.79 50.94
C ILE B 81 -64.92 -16.24 50.85
N GLN B 82 -63.97 -16.62 51.68
CA GLN B 82 -63.30 -17.91 51.55
C GLN B 82 -62.35 -18.09 52.72
N ASN B 83 -62.04 -19.34 53.04
CA ASN B 83 -61.29 -19.67 54.25
C ASN B 83 -61.87 -19.07 55.51
N GLY B 84 -63.21 -18.92 55.55
CA GLY B 84 -63.90 -18.43 56.73
C GLY B 84 -64.27 -16.96 56.77
N GLY B 85 -63.66 -16.15 55.92
CA GLY B 85 -63.95 -14.72 55.90
C GLY B 85 -63.52 -13.96 54.65
N LEU B 86 -63.15 -12.70 54.85
CA LEU B 86 -62.79 -11.82 53.73
C LEU B 86 -61.31 -11.89 53.36
N GLN B 87 -61.03 -12.29 52.12
CA GLN B 87 -59.65 -12.36 51.66
C GLN B 87 -59.44 -11.72 50.30
N PHE B 88 -58.19 -11.49 49.96
CA PHE B 88 -57.82 -10.89 48.69
C PHE B 88 -57.07 -11.92 47.85
N ARG B 89 -57.27 -11.89 46.55
CA ARG B 89 -56.74 -12.93 45.67
C ARG B 89 -55.80 -12.36 44.61
N PHE B 90 -54.63 -12.95 44.49
CA PHE B 90 -53.65 -12.46 43.53
C PHE B 90 -52.96 -13.63 42.87
N ASN B 91 -52.46 -13.40 41.67
CA ASN B 91 -51.63 -14.37 40.95
C ASN B 91 -50.39 -14.74 41.77
N THR B 92 -50.33 -16.00 42.19
CA THR B 92 -49.25 -16.47 43.05
C THR B 92 -47.85 -16.50 42.41
N ASP B 93 -47.80 -16.26 41.10
CA ASP B 93 -46.52 -16.13 40.40
C ASP B 93 -45.99 -14.71 40.54
N GLN B 94 -46.87 -13.75 40.37
CA GLN B 94 -46.47 -12.34 40.25
C GLN B 94 -46.47 -11.63 41.58
N PHE B 95 -47.30 -12.08 42.52
CA PHE B 95 -47.46 -11.38 43.78
C PHE B 95 -47.16 -12.24 45.00
N GLN B 96 -46.85 -11.57 46.11
CA GLN B 96 -46.75 -12.23 47.41
C GLN B 96 -47.05 -11.27 48.57
N ILE B 97 -47.35 -11.82 49.74
CA ILE B 97 -47.59 -11.02 50.94
C ILE B 97 -46.38 -11.00 51.88
N VAL B 98 -45.98 -9.81 52.31
CA VAL B 98 -44.89 -9.65 53.26
C VAL B 98 -45.29 -8.62 54.31
N ASN B 99 -45.33 -9.03 55.57
CA ASN B 99 -45.86 -8.17 56.63
C ASN B 99 -47.23 -7.71 56.23
N ASN B 100 -48.01 -8.63 55.67
CA ASN B 100 -49.37 -8.35 55.26
C ASN B 100 -49.44 -7.19 54.27
N ASN B 101 -48.49 -7.18 53.34
CA ASN B 101 -48.44 -6.20 52.25
C ASN B 101 -48.39 -6.90 50.90
N LEU B 102 -49.10 -6.35 49.92
CA LEU B 102 -49.03 -6.86 48.56
C LEU B 102 -47.65 -6.47 48.08
N THR B 103 -46.88 -7.45 47.62
CA THR B 103 -45.52 -7.21 47.17
C THR B 103 -45.19 -7.97 45.87
N LEU B 104 -44.39 -7.33 45.02
CA LEU B 104 -43.93 -7.97 43.79
C LEU B 104 -42.98 -9.13 44.04
N LYS B 105 -43.32 -10.28 43.46
CA LYS B 105 -42.45 -11.44 43.48
C LYS B 105 -41.18 -11.07 42.72
N THR B 106 -40.10 -11.80 42.94
CA THR B 106 -38.84 -11.49 42.28
C THR B 106 -38.75 -12.19 40.93
N THR B 107 -39.33 -13.38 40.88
CA THR B 107 -39.27 -14.23 39.68
C THR B 107 -39.95 -13.57 38.48
N VAL B 108 -40.56 -12.42 38.68
CA VAL B 108 -41.26 -11.74 37.60
C VAL B 108 -40.35 -10.76 36.85
N PHE B 109 -39.21 -10.43 37.44
CA PHE B 109 -38.24 -9.53 36.81
C PHE B 109 -36.98 -10.27 36.42
N ASP B 110 -36.88 -11.54 36.81
CA ASP B 110 -35.65 -12.29 36.62
C ASP B 110 -35.37 -12.64 35.15
N SER B 111 -36.43 -12.83 34.37
CA SER B 111 -36.28 -13.11 32.95
C SER B 111 -35.81 -11.87 32.19
N ILE B 112 -35.61 -10.78 32.93
CA ILE B 112 -35.20 -9.51 32.34
C ILE B 112 -33.84 -9.09 32.86
N ASN B 113 -33.61 -9.27 34.15
CA ASN B 113 -32.31 -8.96 34.71
C ASN B 113 -31.20 -9.88 34.21
N SER B 114 -31.59 -11.00 33.60
CA SER B 114 -30.64 -11.95 33.05
C SER B 114 -30.26 -11.58 31.62
N ARG B 115 -31.27 -11.41 30.78
CA ARG B 115 -31.06 -10.98 29.40
C ARG B 115 -30.19 -9.73 29.32
N ILE B 116 -30.44 -8.80 30.24
CA ILE B 116 -29.66 -7.57 30.34
C ILE B 116 -28.27 -7.83 30.92
N GLY B 117 -28.21 -8.51 32.05
CA GLY B 117 -26.94 -8.87 32.64
C GLY B 117 -26.07 -9.62 31.65
N ALA B 118 -26.70 -10.19 30.64
CA ALA B 118 -26.01 -11.01 29.63
C ALA B 118 -25.44 -10.14 28.50
N ILE B 119 -25.87 -8.90 28.44
CA ILE B 119 -25.36 -7.96 27.44
C ILE B 119 -24.34 -7.04 28.09
N GLU B 120 -24.57 -6.74 29.36
CA GLU B 120 -23.68 -5.84 30.11
C GLU B 120 -22.28 -6.44 30.22
N GLN B 121 -22.20 -7.76 30.15
CA GLN B 121 -20.90 -8.42 30.26
C GLN B 121 -20.02 -8.11 29.04
N SER B 122 -20.37 -8.68 27.89
CA SER B 122 -19.58 -8.45 26.68
C SER B 122 -20.32 -7.65 25.62
N TYR B 123 -20.00 -6.37 25.49
CA TYR B 123 -20.55 -5.53 24.43
C TYR B 123 -19.71 -4.28 24.17
N VAL B 124 -19.58 -3.91 22.90
CA VAL B 124 -18.79 -2.75 22.52
C VAL B 124 -19.56 -1.46 22.77
N ALA B 125 -18.98 -0.58 23.58
CA ALA B 125 -19.60 0.71 23.86
C ALA B 125 -18.88 1.83 23.09
N SER B 126 -17.62 1.58 22.74
CA SER B 126 -16.83 2.58 22.03
C SER B 126 -15.60 1.96 21.38
N ALA B 127 -15.05 2.65 20.37
CA ALA B 127 -13.89 2.16 19.61
C ALA B 127 -12.82 3.25 19.43
N VAL B 128 -11.60 2.81 19.11
CA VAL B 128 -10.48 3.72 18.87
C VAL B 128 -10.02 3.63 17.41
N THR B 129 -9.66 4.76 16.80
CA THR B 129 -9.18 4.79 15.41
C THR B 129 -8.09 3.75 15.16
N PRO B 130 -8.08 3.13 13.96
CA PRO B 130 -8.90 3.44 12.78
C PRO B 130 -10.36 3.00 12.90
N LEU B 131 -10.74 2.46 14.05
CA LEU B 131 -12.12 2.04 14.28
C LEU B 131 -12.97 3.24 14.70
N ARG B 132 -14.21 3.29 14.19
CA ARG B 132 -15.07 4.43 14.45
C ARG B 132 -16.54 4.02 14.58
N LEU B 133 -17.14 4.40 15.71
CA LEU B 133 -18.54 4.05 15.99
C LEU B 133 -19.46 5.25 16.03
N ASN B 134 -20.51 5.20 15.22
CA ASN B 134 -21.56 6.20 15.27
C ASN B 134 -22.57 5.82 16.35
N SER B 135 -22.60 6.59 17.44
CA SER B 135 -23.49 6.31 18.58
C SER B 135 -24.98 6.42 18.20
N SER B 136 -25.26 7.08 17.10
CA SER B 136 -26.63 7.29 16.65
C SER B 136 -27.12 6.16 15.74
N THR B 137 -26.34 5.82 14.72
CA THR B 137 -26.69 4.76 13.78
C THR B 137 -26.26 3.39 14.31
N LYS B 138 -25.38 3.40 15.31
CA LYS B 138 -24.88 2.17 15.91
C LYS B 138 -24.12 1.35 14.89
N VAL B 139 -23.41 2.04 14.00
CA VAL B 139 -22.64 1.42 12.94
C VAL B 139 -21.15 1.55 13.19
N LEU B 140 -20.41 0.46 12.98
CA LEU B 140 -18.97 0.48 13.12
C LEU B 140 -18.32 0.39 11.75
N ASP B 141 -17.44 1.32 11.44
CA ASP B 141 -16.70 1.29 10.18
C ASP B 141 -15.20 1.37 10.43
N MET B 142 -14.42 1.35 9.35
CA MET B 142 -12.98 1.50 9.47
C MET B 142 -12.47 2.69 8.64
N LEU B 143 -11.58 3.48 9.23
CA LEU B 143 -10.95 4.60 8.53
C LEU B 143 -9.69 4.14 7.80
N ILE B 144 -9.69 4.21 6.48
CA ILE B 144 -8.48 3.87 5.73
C ILE B 144 -8.01 5.01 4.81
N ASP B 145 -6.70 5.12 4.65
CA ASP B 145 -6.14 6.00 3.64
C ASP B 145 -6.19 5.27 2.30
N SER B 146 -6.91 5.84 1.34
CA SER B 146 -7.20 5.15 0.07
C SER B 146 -6.08 5.29 -0.96
N SER B 147 -5.04 6.05 -0.65
CA SER B 147 -3.90 6.13 -1.54
C SER B 147 -2.98 4.93 -1.30
N THR B 148 -3.16 4.25 -0.18
CA THR B 148 -2.31 3.12 0.20
C THR B 148 -3.09 1.82 0.40
N LEU B 149 -4.38 1.93 0.68
CA LEU B 149 -5.23 0.78 0.99
C LEU B 149 -6.58 0.81 0.29
N GLU B 150 -7.02 -0.36 -0.18
CA GLU B 150 -8.31 -0.46 -0.86
C GLU B 150 -9.20 -1.56 -0.27
N ILE B 151 -10.46 -1.58 -0.66
CA ILE B 151 -11.32 -2.72 -0.38
C ILE B 151 -11.61 -3.46 -1.68
N ASN B 152 -10.94 -4.59 -1.88
CA ASN B 152 -11.10 -5.35 -3.11
C ASN B 152 -12.56 -5.74 -3.40
N SER B 153 -12.77 -6.40 -4.53
CA SER B 153 -14.12 -6.75 -4.95
C SER B 153 -14.69 -7.90 -4.12
N SER B 154 -14.02 -8.25 -3.04
CA SER B 154 -14.49 -9.30 -2.13
C SER B 154 -14.83 -8.73 -0.75
N GLY B 155 -14.61 -7.44 -0.59
CA GLY B 155 -14.83 -6.78 0.69
C GLY B 155 -13.67 -7.00 1.65
N GLN B 156 -12.50 -7.30 1.11
CA GLN B 156 -11.30 -7.51 1.92
C GLN B 156 -10.43 -6.27 1.96
N LEU B 157 -9.76 -6.05 3.09
CA LEU B 157 -8.79 -4.96 3.17
C LEU B 157 -7.48 -5.43 2.54
N THR B 158 -7.04 -4.73 1.50
CA THR B 158 -5.78 -5.06 0.83
C THR B 158 -5.01 -3.80 0.44
N VAL B 159 -3.69 -3.95 0.33
CA VAL B 159 -2.83 -2.83 -0.05
C VAL B 159 -2.98 -2.49 -1.54
N ARG B 160 -3.17 -1.21 -1.83
CA ARG B 160 -3.26 -0.72 -3.19
C ARG B 160 -1.87 -0.87 -3.82
N SER B 161 -1.78 -1.64 -4.90
CA SER B 161 -0.48 -1.82 -5.58
C SER B 161 0.02 -0.50 -6.16
N THR B 162 0.93 0.15 -5.43
CA THR B 162 1.38 1.49 -5.83
C THR B 162 2.63 1.47 -6.69
N SER B 163 2.56 2.17 -7.82
CA SER B 163 3.72 2.37 -8.68
C SER B 163 4.71 3.30 -7.97
N PRO B 164 5.96 2.85 -7.80
CA PRO B 164 6.94 3.59 -7.00
C PRO B 164 7.60 4.68 -7.83
N ASN B 165 8.24 5.65 -7.18
CA ASN B 165 8.83 6.77 -7.89
C ASN B 165 10.08 6.38 -8.70
N LEU B 166 9.94 6.32 -10.02
CA LEU B 166 11.04 5.95 -10.89
C LEU B 166 11.50 7.10 -11.76
N ARG B 167 12.82 7.32 -11.80
CA ARG B 167 13.42 8.36 -12.63
C ARG B 167 14.15 7.75 -13.83
N TYR B 168 13.73 8.14 -15.03
CA TYR B 168 14.42 7.74 -16.25
C TYR B 168 15.91 7.96 -16.06
N PRO B 169 16.74 7.02 -16.51
CA PRO B 169 16.33 5.90 -17.37
C PRO B 169 15.77 4.69 -16.64
N ILE B 170 15.56 4.77 -15.33
CA ILE B 170 14.86 3.70 -14.64
C ILE B 170 13.35 3.83 -14.90
N ALA B 171 12.68 2.73 -15.20
CA ALA B 171 11.31 2.87 -15.64
C ALA B 171 10.50 1.59 -15.49
N ASP B 172 9.19 1.71 -15.69
CA ASP B 172 8.32 0.55 -15.65
C ASP B 172 8.54 -0.27 -16.90
N VAL B 173 9.14 -1.45 -16.74
CA VAL B 173 9.32 -2.37 -17.85
C VAL B 173 8.46 -3.61 -17.65
N SER B 174 7.37 -3.67 -18.40
CA SER B 174 6.36 -4.71 -18.25
C SER B 174 6.16 -5.17 -16.79
N GLY B 175 5.73 -4.23 -15.95
CA GLY B 175 5.33 -4.55 -14.59
C GLY B 175 6.44 -4.41 -13.57
N GLY B 176 7.68 -4.57 -14.03
CA GLY B 176 8.80 -4.54 -13.13
C GLY B 176 9.55 -3.22 -13.10
N ILE B 177 10.42 -3.07 -12.12
CA ILE B 177 11.38 -1.98 -12.11
C ILE B 177 12.57 -2.37 -12.96
N GLY B 178 12.73 -1.72 -14.11
CA GLY B 178 13.80 -2.05 -15.03
C GLY B 178 14.46 -0.85 -15.67
N MET B 179 15.12 -1.08 -16.80
CA MET B 179 15.83 -0.04 -17.51
C MET B 179 15.14 0.27 -18.83
N SER B 180 14.84 1.55 -19.03
CA SER B 180 14.06 1.97 -20.18
C SER B 180 14.73 1.55 -21.47
N PRO B 181 13.98 0.87 -22.34
CA PRO B 181 14.48 0.49 -23.67
C PRO B 181 14.95 1.69 -24.49
N ASN B 182 14.33 2.85 -24.33
CA ASN B 182 14.74 4.02 -25.09
C ASN B 182 16.09 4.60 -24.65
N TYR B 183 16.54 4.18 -23.47
CA TYR B 183 17.83 4.57 -22.99
C TYR B 183 18.86 3.57 -23.50
N ARG B 184 18.42 2.32 -23.61
CA ARG B 184 19.34 1.26 -24.03
C ARG B 184 19.69 1.40 -25.51
N PHE B 185 18.72 1.87 -26.32
CA PHE B 185 18.97 2.01 -27.74
C PHE B 185 17.91 2.81 -28.49
N ARG B 186 18.37 3.73 -29.33
N ARG B 186 18.36 3.75 -29.29
CA ARG B 186 17.52 4.61 -30.12
CA ARG B 186 17.47 4.50 -30.17
C ARG B 186 18.22 4.87 -31.45
C ARG B 186 18.20 4.87 -31.44
N GLN B 187 17.54 4.65 -32.57
CA GLN B 187 18.11 5.04 -33.84
C GLN B 187 17.33 6.16 -34.52
N SER B 188 18.07 7.02 -35.18
CA SER B 188 17.50 8.09 -35.96
C SER B 188 18.45 8.45 -37.10
N MET B 189 18.40 9.70 -37.52
CA MET B 189 19.12 10.10 -38.72
C MET B 189 19.35 11.61 -38.67
N TRP B 190 20.47 12.07 -39.20
CA TRP B 190 20.70 13.50 -39.40
C TRP B 190 21.01 13.75 -40.88
N ILE B 191 20.26 14.66 -41.47
CA ILE B 191 20.50 14.99 -42.86
C ILE B 191 20.82 16.46 -42.92
N GLY B 192 22.09 16.81 -43.12
CA GLY B 192 22.45 18.22 -43.13
C GLY B 192 23.80 18.59 -43.70
N ILE B 193 24.31 19.74 -43.27
CA ILE B 193 25.52 20.33 -43.81
C ILE B 193 26.75 20.18 -42.93
N VAL B 194 27.79 19.57 -43.49
CA VAL B 194 29.14 19.54 -42.92
C VAL B 194 29.96 20.65 -43.59
N SER B 195 30.71 21.41 -42.80
CA SER B 195 31.47 22.53 -43.34
C SER B 195 32.93 22.40 -42.98
N TYR B 196 33.79 22.73 -43.93
CA TYR B 196 35.21 22.76 -43.67
C TYR B 196 35.68 24.19 -43.57
N SER B 197 36.50 24.47 -42.56
CA SER B 197 37.11 25.78 -42.44
C SER B 197 38.58 25.69 -42.03
N GLY B 198 39.42 26.44 -42.73
CA GLY B 198 40.83 26.48 -42.41
C GLY B 198 41.67 27.39 -43.30
N SER B 199 42.19 28.47 -42.72
CA SER B 199 43.14 29.36 -43.41
C SER B 199 42.65 29.80 -44.79
N GLY B 200 41.47 30.41 -44.86
CA GLY B 200 40.87 30.78 -46.12
C GLY B 200 40.13 29.67 -46.83
N LEU B 201 40.64 28.45 -46.72
CA LEU B 201 39.94 27.29 -47.23
C LEU B 201 38.60 27.15 -46.52
N ASN B 202 37.56 26.96 -47.31
CA ASN B 202 36.24 26.73 -46.75
C ASN B 202 35.27 26.23 -47.82
N TRP B 203 34.31 25.42 -47.40
CA TRP B 203 33.39 24.76 -48.29
C TRP B 203 32.47 23.83 -47.52
N ARG B 204 31.35 23.44 -48.11
CA ARG B 204 30.40 22.60 -47.41
C ARG B 204 29.86 21.46 -48.27
N VAL B 205 29.25 20.49 -47.61
CA VAL B 205 28.75 19.29 -48.26
CA VAL B 205 28.73 19.31 -48.28
C VAL B 205 27.50 18.81 -47.55
N GLN B 206 26.59 18.19 -48.30
CA GLN B 206 25.41 17.57 -47.74
C GLN B 206 25.69 16.10 -47.54
N VAL B 207 25.43 15.60 -46.34
CA VAL B 207 25.59 14.20 -46.02
C VAL B 207 24.29 13.65 -45.43
N ASN B 208 24.08 12.34 -45.62
CA ASN B 208 23.01 11.61 -44.95
C ASN B 208 23.63 10.63 -43.96
N SER B 209 23.37 10.84 -42.68
CA SER B 209 24.03 10.04 -41.66
C SER B 209 23.05 9.39 -40.70
N ASP B 210 23.42 8.20 -40.20
CA ASP B 210 22.65 7.56 -39.13
C ASP B 210 23.13 8.08 -37.77
N ILE B 211 22.21 8.18 -36.81
CA ILE B 211 22.55 8.53 -35.44
C ILE B 211 22.03 7.43 -34.51
N PHE B 212 22.94 6.91 -33.69
CA PHE B 212 22.59 5.89 -32.71
C PHE B 212 22.87 6.44 -31.32
N ILE B 213 21.91 6.25 -30.42
CA ILE B 213 22.07 6.68 -29.05
C ILE B 213 22.01 5.45 -28.18
N VAL B 214 23.12 5.18 -27.50
CA VAL B 214 23.22 3.97 -26.71
C VAL B 214 23.75 4.30 -25.33
N ASP B 215 22.92 4.02 -24.34
CA ASP B 215 23.25 4.36 -22.97
C ASP B 215 23.60 5.84 -22.91
N ASP B 216 24.75 6.20 -22.36
CA ASP B 216 25.04 7.64 -22.25
C ASP B 216 25.93 8.20 -23.38
N TYR B 217 25.91 7.54 -24.54
CA TYR B 217 26.71 7.98 -25.67
C TYR B 217 25.86 8.27 -26.89
N ILE B 218 26.32 9.20 -27.70
CA ILE B 218 25.71 9.39 -29.02
C ILE B 218 26.75 9.02 -30.07
N HIS B 219 26.32 8.33 -31.12
CA HIS B 219 27.19 7.96 -32.24
C HIS B 219 26.70 8.58 -33.54
N ILE B 220 27.53 9.38 -34.18
CA ILE B 220 27.15 9.96 -35.46
C ILE B 220 27.89 9.29 -36.62
N CYS B 221 27.18 8.51 -37.42
CA CYS B 221 27.82 7.74 -38.48
C CYS B 221 27.82 8.48 -39.82
N LEU B 222 28.88 9.24 -40.06
CA LEU B 222 29.01 9.98 -41.30
C LEU B 222 29.37 9.06 -42.44
N PRO B 223 28.78 9.31 -43.60
CA PRO B 223 29.11 8.51 -44.77
C PRO B 223 30.31 9.11 -45.48
N ALA B 224 30.94 8.33 -46.35
CA ALA B 224 32.01 8.88 -47.15
C ALA B 224 31.51 10.07 -47.97
N PHE B 225 32.27 11.15 -48.03
CA PHE B 225 31.88 12.29 -48.88
C PHE B 225 33.09 12.84 -49.62
N ASP B 226 32.85 13.71 -50.60
CA ASP B 226 33.95 14.40 -51.30
C ASP B 226 33.94 15.86 -50.94
N GLY B 227 35.13 16.44 -50.77
CA GLY B 227 35.26 17.85 -50.46
C GLY B 227 36.31 18.51 -51.32
N PHE B 228 36.77 19.67 -50.93
CA PHE B 228 37.81 20.34 -51.68
C PHE B 228 39.10 20.52 -50.87
N SER B 229 39.72 21.69 -51.00
CA SER B 229 41.00 21.95 -50.38
C SER B 229 40.96 21.99 -48.87
N ILE B 230 41.76 21.13 -48.24
CA ILE B 230 41.96 21.23 -46.81
C ILE B 230 43.34 21.83 -46.49
N ALA B 231 43.44 22.44 -45.32
CA ALA B 231 44.71 22.98 -44.85
C ALA B 231 45.36 22.02 -43.85
N ASP B 232 46.53 22.37 -43.36
CA ASP B 232 47.25 21.49 -42.44
C ASP B 232 46.36 21.16 -41.25
N GLY B 233 45.74 22.20 -40.70
CA GLY B 233 44.81 22.06 -39.61
C GLY B 233 43.57 22.87 -39.91
N GLY B 234 42.41 22.40 -39.47
CA GLY B 234 41.15 23.03 -39.79
C GLY B 234 40.00 22.40 -39.04
N ASP B 235 38.79 22.87 -39.35
CA ASP B 235 37.61 22.38 -38.66
C ASP B 235 36.52 21.88 -39.59
N LEU B 236 36.00 20.72 -39.22
CA LEU B 236 34.85 20.15 -39.84
C LEU B 236 33.70 20.41 -38.89
N SER B 237 32.66 21.10 -39.34
CA SER B 237 31.53 21.40 -38.47
C SER B 237 30.25 20.72 -38.91
N LEU B 238 29.56 20.07 -37.98
CA LEU B 238 28.26 19.48 -38.24
C LEU B 238 27.17 20.38 -37.66
N ASN B 239 26.34 20.95 -38.53
CA ASN B 239 25.27 21.83 -38.07
C ASN B 239 23.98 21.10 -37.75
N PHE B 240 23.79 20.80 -36.46
CA PHE B 240 22.64 20.05 -35.99
C PHE B 240 21.44 20.93 -35.70
N VAL B 241 21.54 22.21 -36.00
CA VAL B 241 20.41 23.10 -35.77
C VAL B 241 19.22 22.79 -36.66
N THR B 242 19.47 22.21 -37.82
CA THR B 242 18.42 21.61 -38.61
C THR B 242 18.92 20.25 -39.04
N GLY B 243 18.03 19.43 -39.59
CA GLY B 243 18.40 18.17 -40.19
C GLY B 243 18.08 16.94 -39.37
N LEU B 244 17.82 17.13 -38.08
CA LEU B 244 17.52 16.02 -37.23
C LEU B 244 16.11 15.51 -37.48
N LEU B 245 15.96 14.18 -37.58
CA LEU B 245 14.64 13.57 -37.74
C LEU B 245 13.96 13.34 -36.39
N PRO B 246 12.68 13.72 -36.27
CA PRO B 246 11.98 13.48 -35.00
C PRO B 246 12.07 12.00 -34.64
N PRO B 247 12.11 11.67 -33.34
CA PRO B 247 11.79 12.53 -32.20
C PRO B 247 13.01 13.31 -31.70
N LEU B 248 14.06 13.38 -32.50
CA LEU B 248 15.30 14.00 -32.05
C LEU B 248 15.24 15.52 -32.20
N LEU B 249 15.97 16.18 -31.32
CA LEU B 249 16.01 17.64 -31.29
C LEU B 249 17.46 18.07 -31.16
N THR B 250 17.77 19.26 -31.66
CA THR B 250 19.14 19.77 -31.63
C THR B 250 19.85 19.51 -30.32
N GLY B 251 19.13 19.72 -29.21
CA GLY B 251 19.69 19.58 -27.88
C GLY B 251 20.13 18.18 -27.50
N ASP B 252 19.55 17.17 -28.15
CA ASP B 252 19.94 15.79 -27.89
C ASP B 252 21.36 15.48 -28.37
N THR B 253 21.99 16.44 -29.04
CA THR B 253 23.38 16.28 -29.50
C THR B 253 24.40 16.98 -28.61
N GLU B 254 23.94 17.55 -27.51
CA GLU B 254 24.86 18.21 -26.60
C GLU B 254 25.67 17.19 -25.81
N PRO B 255 26.99 17.33 -25.80
CA PRO B 255 27.82 16.38 -25.05
C PRO B 255 27.60 16.52 -23.56
N ALA B 256 27.91 15.47 -22.82
CA ALA B 256 27.89 15.52 -21.37
C ALA B 256 28.82 16.61 -20.84
N PHE B 257 29.90 16.89 -21.58
CA PHE B 257 30.79 17.99 -21.22
C PHE B 257 30.37 19.33 -21.83
N HIS B 258 29.12 19.41 -22.26
CA HIS B 258 28.52 20.66 -22.76
C HIS B 258 29.35 21.37 -23.82
N ASN B 259 29.73 22.61 -23.54
CA ASN B 259 30.51 23.35 -24.53
C ASN B 259 32.01 23.54 -24.21
N ASP B 260 32.56 22.69 -23.32
CA ASP B 260 34.00 22.65 -23.11
C ASP B 260 34.71 22.39 -24.41
N VAL B 261 35.96 22.82 -24.47
CA VAL B 261 36.85 22.46 -25.57
C VAL B 261 37.63 21.24 -25.15
N VAL B 262 37.47 20.14 -25.88
CA VAL B 262 38.14 18.91 -25.50
C VAL B 262 38.97 18.33 -26.64
N THR B 263 39.60 17.18 -26.40
CA THR B 263 40.32 16.43 -27.41
C THR B 263 39.80 14.99 -27.37
N TYR B 264 38.50 14.83 -27.61
CA TYR B 264 37.82 13.58 -27.35
C TYR B 264 37.73 12.64 -28.55
N GLY B 265 38.13 11.40 -28.33
CA GLY B 265 37.97 10.38 -29.34
C GLY B 265 38.91 10.62 -30.50
N ALA B 266 40.08 11.16 -30.21
CA ALA B 266 41.04 11.39 -31.25
C ALA B 266 41.37 10.06 -31.93
N GLN B 267 41.41 10.12 -33.25
CA GLN B 267 41.68 8.97 -34.10
C GLN B 267 42.47 9.38 -35.35
N THR B 268 42.77 8.42 -36.20
CA THR B 268 43.47 8.69 -37.43
C THR B 268 42.60 8.31 -38.61
N VAL B 269 42.46 9.23 -39.58
CA VAL B 269 41.67 8.94 -40.78
C VAL B 269 42.51 9.16 -42.01
N ALA B 270 42.24 8.40 -43.07
CA ALA B 270 42.94 8.60 -44.35
C ALA B 270 42.10 9.39 -45.32
N ILE B 271 42.64 10.49 -45.83
CA ILE B 271 41.95 11.33 -46.79
C ILE B 271 42.69 11.37 -48.13
N GLY B 272 42.00 11.04 -49.22
CA GLY B 272 42.60 11.10 -50.55
C GLY B 272 42.67 12.51 -51.12
N LEU B 273 43.89 12.98 -51.40
CA LEU B 273 44.08 14.32 -51.93
C LEU B 273 44.54 14.25 -53.37
N SER B 274 44.10 15.19 -54.19
CA SER B 274 44.44 15.18 -55.59
C SER B 274 44.19 16.48 -56.32
N SER B 275 44.60 16.49 -57.58
CA SER B 275 44.30 17.56 -58.50
C SER B 275 44.01 16.86 -59.80
N GLY B 276 42.77 16.41 -59.95
CA GLY B 276 42.41 15.60 -61.09
C GLY B 276 42.87 14.17 -60.92
N GLY B 277 44.08 13.87 -61.39
CA GLY B 277 44.63 12.52 -61.38
C GLY B 277 44.73 11.79 -60.05
N THR B 278 45.62 10.80 -60.01
CA THR B 278 45.78 9.87 -58.89
C THR B 278 45.87 10.54 -57.53
N PRO B 279 44.98 10.13 -56.62
CA PRO B 279 44.95 10.65 -55.24
C PRO B 279 46.16 10.18 -54.44
N GLN B 280 46.53 10.98 -53.46
CA GLN B 280 47.52 10.56 -52.50
C GLN B 280 46.81 10.51 -51.16
N TYR B 281 46.96 9.40 -50.45
CA TYR B 281 46.24 9.24 -49.21
C TYR B 281 47.04 9.74 -48.02
N MET B 282 46.55 10.80 -47.38
CA MET B 282 47.24 11.45 -46.27
C MET B 282 46.57 11.07 -44.98
N SER B 283 47.37 10.72 -43.98
CA SER B 283 46.84 10.41 -42.67
C SER B 283 46.68 11.69 -41.89
N LYS B 284 45.52 11.89 -41.31
CA LYS B 284 45.27 13.07 -40.46
C LYS B 284 44.66 12.67 -39.12
N ASN B 285 44.72 13.60 -38.19
CA ASN B 285 44.32 13.36 -36.82
C ASN B 285 42.98 14.06 -36.69
N LEU B 286 41.95 13.34 -36.29
CA LEU B 286 40.62 13.96 -36.07
C LEU B 286 40.17 13.76 -34.64
N TRP B 287 39.48 14.75 -34.09
CA TRP B 287 38.81 14.56 -32.82
C TRP B 287 37.61 15.47 -32.66
N VAL B 288 36.76 15.12 -31.70
CA VAL B 288 35.68 16.00 -31.28
C VAL B 288 36.31 17.10 -30.44
N GLU B 289 36.15 18.35 -30.84
CA GLU B 289 36.75 19.44 -30.08
C GLU B 289 35.74 20.23 -29.26
N GLN B 290 34.57 20.50 -29.84
CA GLN B 290 33.58 21.32 -29.15
C GLN B 290 32.19 21.41 -29.81
N TRP B 291 31.16 21.41 -28.97
CA TRP B 291 29.77 21.57 -29.40
C TRP B 291 29.27 22.92 -28.92
N GLN B 292 28.66 23.69 -29.81
CA GLN B 292 28.21 25.01 -29.42
C GLN B 292 27.02 25.51 -30.23
N ASP B 293 25.90 25.74 -29.54
CA ASP B 293 24.66 26.22 -30.15
C ASP B 293 24.20 25.31 -31.27
N GLY B 294 24.31 24.00 -31.05
CA GLY B 294 23.89 23.01 -32.02
C GLY B 294 24.88 22.71 -33.13
N VAL B 295 26.07 23.29 -33.04
CA VAL B 295 27.12 22.97 -34.01
C VAL B 295 28.26 22.19 -33.36
N LEU B 296 28.40 20.93 -33.76
CA LEU B 296 29.51 20.09 -33.30
C LEU B 296 30.69 20.34 -34.20
N ARG B 297 31.79 20.77 -33.59
CA ARG B 297 33.00 21.05 -34.35
C ARG B 297 34.08 19.96 -34.15
N LEU B 298 34.56 19.42 -35.27
CA LEU B 298 35.60 18.39 -35.26
C LEU B 298 36.91 19.01 -35.67
N ARG B 299 37.99 18.65 -35.00
CA ARG B 299 39.30 19.13 -35.41
C ARG B 299 39.93 18.13 -36.38
N VAL B 300 40.59 18.67 -37.40
CA VAL B 300 41.23 17.84 -38.40
C VAL B 300 42.59 18.46 -38.72
N GLU B 301 43.66 17.79 -38.27
CA GLU B 301 45.03 18.27 -38.46
C GLU B 301 46.06 17.15 -38.38
N GLY B 302 47.33 17.50 -38.61
CA GLY B 302 48.42 16.54 -38.62
C GLY B 302 48.69 15.93 -39.99
N GLY B 303 49.80 15.21 -40.13
CA GLY B 303 49.98 14.29 -41.23
C GLY B 303 50.68 14.76 -42.50
N GLY B 304 51.28 15.92 -42.46
CA GLY B 304 51.95 16.36 -43.67
C GLY B 304 50.98 16.91 -44.70
N SER B 305 51.52 17.48 -45.77
CA SER B 305 50.71 18.31 -46.65
C SER B 305 51.19 18.26 -48.09
N ILE B 306 50.25 18.40 -49.02
CA ILE B 306 50.58 18.58 -50.42
C ILE B 306 49.60 19.56 -51.05
N THR B 307 49.94 20.04 -52.23
CA THR B 307 49.04 20.94 -52.94
C THR B 307 47.98 20.08 -53.62
N HIS B 308 46.77 20.62 -53.75
CA HIS B 308 45.66 19.79 -54.20
C HIS B 308 44.40 20.64 -54.25
N SER B 309 43.39 20.16 -54.97
CA SER B 309 42.13 20.89 -55.05
C SER B 309 40.94 20.04 -54.64
N ASN B 310 41.17 18.74 -54.48
CA ASN B 310 40.08 17.80 -54.14
C ASN B 310 40.41 16.88 -52.97
N SER B 311 39.40 16.63 -52.14
CA SER B 311 39.57 15.63 -51.13
C SER B 311 38.52 14.53 -51.22
N LYS B 312 38.99 13.28 -51.04
CA LYS B 312 38.10 12.13 -50.85
C LYS B 312 38.11 11.70 -49.39
N TRP B 313 37.06 12.04 -48.66
CA TRP B 313 36.94 11.64 -47.26
C TRP B 313 36.34 10.24 -47.09
N PRO B 314 36.83 9.49 -46.10
CA PRO B 314 36.27 8.17 -45.90
C PRO B 314 34.99 8.29 -45.07
N ALA B 315 34.25 7.21 -44.91
CA ALA B 315 33.22 7.21 -43.90
C ALA B 315 33.94 7.25 -42.56
N MET B 316 33.42 8.06 -41.64
CA MET B 316 34.01 8.26 -40.34
C MET B 316 32.89 8.26 -39.33
N THR B 317 32.98 7.43 -38.29
CA THR B 317 32.02 7.48 -37.19
C THR B 317 32.56 8.34 -36.03
N VAL B 318 31.68 9.11 -35.41
CA VAL B 318 32.07 10.03 -34.33
C VAL B 318 31.20 9.85 -33.09
N SER B 319 31.84 9.76 -31.93
CA SER B 319 31.10 9.44 -30.72
C SER B 319 31.53 10.30 -29.55
N TYR B 320 30.57 10.60 -28.69
CA TYR B 320 30.87 11.29 -27.45
C TYR B 320 29.74 11.09 -26.44
N PRO B 321 30.08 11.19 -25.15
CA PRO B 321 29.08 11.09 -24.07
C PRO B 321 28.05 12.21 -24.18
N ARG B 322 26.79 11.84 -24.04
CA ARG B 322 25.68 12.75 -24.30
C ARG B 322 25.11 13.30 -22.99
N SER B 323 24.78 14.58 -22.96
CA SER B 323 24.28 15.16 -21.71
C SER B 323 22.91 14.62 -21.39
N PHE B 324 22.52 14.75 -20.12
CA PHE B 324 21.28 14.15 -19.64
C PHE B 324 20.63 15.03 -18.57
N THR B 325 19.33 14.79 -18.37
CA THR B 325 18.50 15.52 -17.41
C THR B 325 18.42 14.83 -16.05
N VAL C 35 -101.23 0.54 82.86
CA VAL C 35 -101.04 0.47 81.40
C VAL C 35 -99.66 -0.08 81.00
N LEU C 36 -99.62 -0.89 79.95
CA LEU C 36 -98.36 -1.53 79.53
C LEU C 36 -97.99 -1.34 78.05
N ASN C 37 -96.69 -1.39 77.80
CA ASN C 37 -96.15 -1.56 76.45
C ASN C 37 -95.17 -2.72 76.47
N GLN C 38 -95.50 -3.79 75.75
CA GLN C 38 -94.65 -4.98 75.69
C GLN C 38 -93.44 -4.79 74.77
N GLY C 39 -93.47 -3.72 73.97
CA GLY C 39 -92.39 -3.41 73.05
C GLY C 39 -92.27 -4.40 71.89
N VAL C 40 -91.03 -4.74 71.56
CA VAL C 40 -90.70 -5.56 70.41
C VAL C 40 -91.12 -7.00 70.55
N THR C 41 -91.89 -7.49 69.58
CA THR C 41 -92.42 -8.84 69.62
C THR C 41 -91.99 -9.69 68.44
N SER C 42 -91.38 -9.09 67.45
CA SER C 42 -90.83 -9.84 66.33
C SER C 42 -89.70 -9.04 65.72
N ALA C 43 -88.98 -9.67 64.79
CA ALA C 43 -87.81 -9.08 64.18
C ALA C 43 -87.54 -9.72 62.83
N GLY C 44 -86.92 -8.97 61.93
CA GLY C 44 -86.55 -9.50 60.64
C GLY C 44 -85.07 -9.78 60.52
N ALA C 45 -84.71 -10.68 59.60
CA ALA C 45 -83.31 -11.01 59.39
C ALA C 45 -82.48 -9.75 59.28
N PRO C 46 -81.22 -9.81 59.74
CA PRO C 46 -80.58 -10.98 60.33
C PRO C 46 -80.96 -11.24 61.80
N LEU C 47 -81.93 -10.49 62.32
CA LEU C 47 -82.36 -10.63 63.71
C LEU C 47 -83.41 -11.71 63.85
N SER C 48 -83.37 -12.42 64.97
CA SER C 48 -84.47 -13.30 65.34
C SER C 48 -84.62 -13.35 66.86
N ILE C 49 -85.80 -13.76 67.30
CA ILE C 49 -86.23 -13.71 68.69
C ILE C 49 -86.81 -15.06 69.01
N ARG C 50 -86.31 -15.71 70.07
CA ARG C 50 -86.88 -16.97 70.49
C ARG C 50 -86.95 -17.04 72.00
N ASN C 51 -88.12 -17.41 72.51
CA ASN C 51 -88.32 -17.47 73.95
C ASN C 51 -87.70 -16.24 74.63
N ASN C 52 -88.07 -15.06 74.13
CA ASN C 52 -87.76 -13.78 74.74
C ASN C 52 -86.34 -13.28 74.60
N ARG C 53 -85.59 -13.94 73.73
CA ARG C 53 -84.19 -13.58 73.51
C ARG C 53 -83.95 -13.28 72.02
N MET C 54 -83.32 -12.15 71.74
CA MET C 54 -82.97 -11.80 70.37
C MET C 54 -81.53 -12.09 70.04
N THR C 55 -81.31 -12.79 68.93
CA THR C 55 -79.94 -13.14 68.50
C THR C 55 -79.79 -12.78 67.03
N MET C 56 -78.54 -12.57 66.61
CA MET C 56 -78.24 -12.11 65.26
C MET C 56 -77.39 -13.11 64.49
N GLY C 57 -77.86 -13.50 63.30
CA GLY C 57 -77.18 -14.48 62.48
C GLY C 57 -76.06 -13.90 61.64
N LEU C 58 -74.92 -14.58 61.57
CA LEU C 58 -73.79 -14.09 60.78
C LEU C 58 -73.25 -15.12 59.80
N ASN C 59 -73.12 -14.72 58.53
CA ASN C 59 -72.36 -15.50 57.56
C ASN C 59 -70.82 -15.40 57.75
N ASP C 60 -70.08 -16.03 56.85
CA ASP C 60 -68.62 -15.93 56.86
C ASP C 60 -68.17 -14.52 56.51
N GLY C 61 -67.15 -14.04 57.23
CA GLY C 61 -66.65 -12.70 57.01
C GLY C 61 -67.20 -11.75 58.06
N LEU C 62 -68.21 -12.22 58.77
CA LEU C 62 -68.74 -11.49 59.90
C LEU C 62 -68.61 -12.34 61.15
N THR C 63 -68.09 -11.74 62.21
CA THR C 63 -67.76 -12.49 63.40
C THR C 63 -67.82 -11.64 64.67
N LEU C 64 -67.90 -12.29 65.81
CA LEU C 64 -67.88 -11.59 67.10
C LEU C 64 -66.45 -11.43 67.59
N SER C 65 -66.03 -10.20 67.85
CA SER C 65 -64.69 -9.97 68.35
C SER C 65 -64.76 -10.15 69.85
N GLY C 66 -65.46 -9.24 70.51
CA GLY C 66 -65.70 -9.39 71.93
C GLY C 66 -67.18 -9.46 72.07
N ASN C 67 -67.76 -8.34 72.49
CA ASN C 67 -69.21 -8.17 72.41
C ASN C 67 -69.59 -7.46 71.11
N ASN C 68 -68.58 -7.10 70.32
CA ASN C 68 -68.76 -6.32 69.09
C ASN C 68 -68.85 -7.13 67.79
N LEU C 69 -69.73 -6.69 66.90
CA LEU C 69 -69.73 -7.25 65.57
C LEU C 69 -68.43 -6.77 64.89
N ALA C 70 -67.79 -7.68 64.15
CA ALA C 70 -66.53 -7.38 63.44
C ALA C 70 -66.42 -8.04 62.04
N ILE C 71 -65.53 -7.52 61.23
CA ILE C 71 -65.27 -8.12 59.93
C ILE C 71 -64.14 -9.15 60.06
N ARG C 72 -64.35 -10.36 59.56
CA ARG C 72 -63.32 -11.38 59.72
C ARG C 72 -62.32 -11.44 58.56
N LEU C 73 -61.04 -11.27 58.91
CA LEU C 73 -59.95 -11.28 57.94
C LEU C 73 -59.01 -12.46 58.18
N PRO C 74 -59.39 -13.64 57.68
CA PRO C 74 -58.54 -14.84 57.86
C PRO C 74 -57.20 -14.71 57.14
N GLY C 75 -56.13 -15.14 57.79
CA GLY C 75 -54.80 -15.12 57.22
C GLY C 75 -54.17 -13.75 57.14
N ASN C 76 -53.29 -13.58 56.13
CA ASN C 76 -52.68 -12.31 55.81
C ASN C 76 -52.70 -12.04 54.31
N THR C 77 -53.83 -11.57 53.78
CA THR C 77 -53.99 -11.41 52.34
C THR C 77 -53.85 -9.97 51.85
N GLY C 78 -53.43 -9.08 52.72
CA GLY C 78 -53.24 -7.69 52.35
C GLY C 78 -54.27 -6.76 52.96
N LEU C 79 -55.38 -7.34 53.41
CA LEU C 79 -56.41 -6.58 54.11
C LEU C 79 -56.07 -6.49 55.58
N ASN C 80 -56.63 -5.48 56.26
CA ASN C 80 -56.36 -5.21 57.67
C ASN C 80 -57.27 -4.15 58.29
N ILE C 81 -57.55 -4.28 59.58
CA ILE C 81 -58.31 -3.27 60.30
C ILE C 81 -57.37 -2.28 60.98
N GLN C 82 -57.41 -1.04 60.50
CA GLN C 82 -56.44 -0.03 60.91
C GLN C 82 -56.93 1.33 60.47
N ASN C 83 -56.46 2.37 61.16
CA ASN C 83 -56.84 3.72 60.79
C ASN C 83 -58.34 3.96 60.84
N GLY C 84 -59.04 3.20 61.66
CA GLY C 84 -60.46 3.42 61.86
C GLY C 84 -61.35 2.42 61.14
N GLY C 85 -60.80 1.72 60.16
CA GLY C 85 -61.61 0.77 59.39
C GLY C 85 -60.86 -0.23 58.53
N LEU C 86 -61.50 -0.67 57.46
CA LEU C 86 -60.89 -1.65 56.58
C LEU C 86 -59.93 -0.96 55.64
N GLN C 87 -58.69 -1.46 55.56
CA GLN C 87 -57.73 -0.94 54.58
C GLN C 87 -56.98 -1.99 53.79
N PHE C 88 -56.45 -1.59 52.64
CA PHE C 88 -55.59 -2.45 51.84
C PHE C 88 -54.14 -2.03 52.01
N ARG C 89 -53.26 -3.00 52.18
CA ARG C 89 -51.87 -2.73 52.49
C ARG C 89 -50.99 -3.17 51.35
N PHE C 90 -50.10 -2.28 50.91
CA PHE C 90 -49.27 -2.58 49.75
C PHE C 90 -47.87 -2.08 49.97
N ASN C 91 -46.90 -2.74 49.36
CA ASN C 91 -45.52 -2.27 49.37
C ASN C 91 -45.39 -0.86 48.75
N THR C 92 -45.01 0.11 49.59
CA THR C 92 -45.04 1.52 49.19
C THR C 92 -43.89 1.96 48.29
N ASP C 93 -43.03 1.01 47.91
CA ASP C 93 -41.99 1.30 46.94
C ASP C 93 -42.42 0.80 45.57
N GLN C 94 -43.34 -0.15 45.57
CA GLN C 94 -43.75 -0.77 44.32
C GLN C 94 -45.13 -0.29 43.86
N PHE C 95 -45.99 0.07 44.82
CA PHE C 95 -47.34 0.52 44.47
C PHE C 95 -47.68 1.88 45.08
N GLN C 96 -48.70 2.51 44.51
CA GLN C 96 -49.26 3.74 45.08
C GLN C 96 -50.74 3.81 44.73
N ILE C 97 -51.44 4.78 45.32
CA ILE C 97 -52.87 4.94 45.04
C ILE C 97 -53.13 6.21 44.24
N VAL C 98 -53.68 6.03 43.04
CA VAL C 98 -54.01 7.15 42.16
C VAL C 98 -55.52 7.14 41.86
N ASN C 99 -56.20 8.24 42.21
CA ASN C 99 -57.66 8.31 42.10
C ASN C 99 -58.31 7.11 42.78
N ASN C 100 -57.70 6.64 43.85
CA ASN C 100 -58.24 5.50 44.58
C ASN C 100 -58.13 4.20 43.78
N ASN C 101 -57.12 4.14 42.90
CA ASN C 101 -56.84 2.93 42.13
C ASN C 101 -55.42 2.41 42.39
N LEU C 102 -55.29 1.10 42.57
CA LEU C 102 -53.98 0.49 42.75
C LEU C 102 -53.13 0.71 41.50
N THR C 103 -51.91 1.20 41.69
CA THR C 103 -51.04 1.50 40.55
C THR C 103 -49.55 1.24 40.85
N LEU C 104 -48.82 0.78 39.82
CA LEU C 104 -47.37 0.58 39.93
C LEU C 104 -46.64 1.91 40.07
N LYS C 105 -45.66 1.97 40.96
CA LYS C 105 -44.77 3.13 41.00
C LYS C 105 -43.84 3.07 39.79
N THR C 106 -43.53 4.21 39.19
CA THR C 106 -42.63 4.21 38.04
C THR C 106 -41.21 3.84 38.45
N THR C 107 -40.83 4.22 39.66
CA THR C 107 -39.51 3.90 40.20
C THR C 107 -39.25 2.39 40.19
N VAL C 108 -40.32 1.60 40.29
CA VAL C 108 -40.24 0.14 40.19
C VAL C 108 -39.43 -0.28 38.96
N PHE C 109 -39.42 0.57 37.93
CA PHE C 109 -38.81 0.25 36.65
C PHE C 109 -37.55 1.08 36.41
N ASP C 110 -37.28 2.03 37.31
CA ASP C 110 -36.18 2.96 37.15
C ASP C 110 -34.87 2.27 36.76
N SER C 111 -34.53 1.21 37.49
CA SER C 111 -33.33 0.44 37.18
C SER C 111 -33.32 -0.01 35.73
N ILE C 112 -34.37 -0.74 35.35
CA ILE C 112 -34.49 -1.28 34.01
C ILE C 112 -34.32 -0.21 32.92
N ASN C 113 -34.93 0.95 33.12
CA ASN C 113 -34.88 2.00 32.10
C ASN C 113 -33.55 2.71 31.95
N SER C 114 -32.72 2.67 32.98
CA SER C 114 -31.42 3.31 32.91
C SER C 114 -30.36 2.32 32.43
N ARG C 115 -30.50 1.05 32.82
CA ARG C 115 -29.57 0.03 32.38
C ARG C 115 -29.67 -0.13 30.87
N ILE C 116 -30.90 -0.19 30.38
CA ILE C 116 -31.12 -0.31 28.94
C ILE C 116 -30.74 0.96 28.20
N GLY C 117 -31.01 2.12 28.81
CA GLY C 117 -30.68 3.39 28.21
C GLY C 117 -29.18 3.62 28.09
N ALA C 118 -28.45 3.12 29.08
CA ALA C 118 -27.00 3.25 29.11
C ALA C 118 -26.33 2.44 28.00
N ILE C 119 -27.06 1.44 27.51
CA ILE C 119 -26.59 0.62 26.40
C ILE C 119 -27.02 1.25 25.08
N GLU C 120 -28.27 1.66 25.00
CA GLU C 120 -28.82 2.24 23.78
C GLU C 120 -27.92 3.35 23.24
N GLN C 121 -27.63 4.32 24.08
CA GLN C 121 -26.96 5.54 23.64
C GLN C 121 -25.68 5.26 22.83
N SER C 122 -24.96 4.20 23.18
CA SER C 122 -23.77 3.81 22.45
C SER C 122 -23.49 2.30 22.50
N TYR C 123 -23.69 1.63 21.38
CA TYR C 123 -23.38 0.22 21.25
C TYR C 123 -23.28 -0.15 19.78
N VAL C 124 -22.54 -1.20 19.46
CA VAL C 124 -22.34 -1.56 18.05
C VAL C 124 -23.39 -2.53 17.52
N ALA C 125 -24.11 -2.09 16.49
CA ALA C 125 -25.25 -2.85 15.97
C ALA C 125 -25.01 -3.43 14.58
N SER C 126 -23.98 -2.94 13.89
CA SER C 126 -23.69 -3.38 12.53
C SER C 126 -22.31 -2.97 12.07
N ALA C 127 -21.64 -3.86 11.36
CA ALA C 127 -20.29 -3.59 10.86
C ALA C 127 -20.26 -3.56 9.34
N VAL C 128 -19.41 -2.69 8.80
CA VAL C 128 -19.22 -2.57 7.36
C VAL C 128 -17.80 -2.97 6.94
N THR C 129 -17.69 -3.69 5.83
CA THR C 129 -16.39 -4.17 5.34
C THR C 129 -15.32 -3.09 5.39
N PRO C 130 -14.07 -3.49 5.70
CA PRO C 130 -13.63 -4.88 5.86
C PRO C 130 -14.11 -5.55 7.15
N LEU C 131 -14.93 -4.84 7.93
CA LEU C 131 -15.44 -5.36 9.18
C LEU C 131 -16.69 -6.22 8.95
N ARG C 132 -16.88 -7.23 9.79
CA ARG C 132 -18.03 -8.11 9.64
C ARG C 132 -18.62 -8.58 10.97
N LEU C 133 -19.89 -8.21 11.20
CA LEU C 133 -20.60 -8.63 12.40
C LEU C 133 -21.51 -9.82 12.12
N ASN C 134 -21.26 -10.92 12.84
CA ASN C 134 -22.15 -12.07 12.82
C ASN C 134 -23.32 -11.83 13.78
N SER C 135 -24.42 -11.29 13.25
CA SER C 135 -25.57 -10.93 14.06
C SER C 135 -26.26 -12.14 14.69
N SER C 136 -25.54 -13.26 14.78
CA SER C 136 -26.08 -14.47 15.40
C SER C 136 -25.20 -14.92 16.54
N THR C 137 -23.93 -15.16 16.25
CA THR C 137 -22.99 -15.59 17.29
C THR C 137 -22.44 -14.41 18.06
N LYS C 138 -22.90 -13.21 17.71
CA LYS C 138 -22.44 -11.99 18.36
C LYS C 138 -20.92 -11.82 18.22
N VAL C 139 -20.39 -12.34 17.12
CA VAL C 139 -18.94 -12.32 16.86
C VAL C 139 -18.56 -11.33 15.76
N LEU C 140 -17.59 -10.47 16.08
CA LEU C 140 -17.05 -9.51 15.12
C LEU C 140 -15.62 -9.90 14.75
N ASP C 141 -15.29 -9.77 13.47
CA ASP C 141 -13.95 -10.07 13.00
C ASP C 141 -13.57 -9.08 11.92
N MET C 142 -12.76 -9.53 10.96
CA MET C 142 -12.30 -8.66 9.88
C MET C 142 -11.89 -9.44 8.64
N LEU C 143 -12.31 -8.96 7.47
CA LEU C 143 -11.97 -9.59 6.20
C LEU C 143 -10.70 -8.99 5.60
N ILE C 144 -9.66 -9.81 5.42
CA ILE C 144 -8.44 -9.34 4.76
C ILE C 144 -8.04 -10.16 3.53
N ASP C 145 -7.14 -9.59 2.74
CA ASP C 145 -6.53 -10.31 1.62
C ASP C 145 -5.17 -10.84 2.05
N SER C 146 -5.08 -12.16 2.23
CA SER C 146 -3.88 -12.76 2.76
C SER C 146 -2.68 -12.63 1.83
N SER C 147 -2.94 -12.33 0.56
CA SER C 147 -1.85 -12.23 -0.41
C SER C 147 -0.93 -11.05 -0.08
N THR C 148 -1.48 -10.05 0.60
CA THR C 148 -0.70 -8.85 0.92
C THR C 148 -0.64 -8.56 2.42
N LEU C 149 -1.62 -9.08 3.17
CA LEU C 149 -1.73 -8.82 4.60
C LEU C 149 -1.85 -10.10 5.43
N GLU C 150 -1.22 -10.09 6.60
CA GLU C 150 -1.22 -11.27 7.47
C GLU C 150 -1.26 -10.89 8.96
N ILE C 151 -1.84 -11.78 9.76
CA ILE C 151 -1.83 -11.62 11.22
C ILE C 151 -0.60 -12.30 11.80
N ASN C 152 0.31 -11.49 12.33
CA ASN C 152 1.62 -11.97 12.75
C ASN C 152 1.59 -12.88 13.98
N SER C 153 2.78 -13.29 14.41
CA SER C 153 2.94 -14.20 15.54
C SER C 153 2.17 -13.71 16.78
N SER C 154 2.40 -12.45 17.15
CA SER C 154 1.82 -11.90 18.38
C SER C 154 0.37 -11.44 18.23
N GLY C 155 -0.19 -11.60 17.04
CA GLY C 155 -1.59 -11.31 16.80
C GLY C 155 -1.88 -9.93 16.20
N GLN C 156 -0.83 -9.20 15.85
CA GLN C 156 -0.98 -7.87 15.26
C GLN C 156 -1.30 -7.97 13.77
N LEU C 157 -1.36 -6.83 13.10
CA LEU C 157 -1.68 -6.80 11.68
C LEU C 157 -0.52 -6.26 10.87
N THR C 158 0.28 -7.16 10.32
CA THR C 158 1.47 -6.75 9.55
C THR C 158 1.24 -6.86 8.05
N VAL C 159 1.95 -6.03 7.28
CA VAL C 159 1.95 -6.15 5.82
C VAL C 159 2.89 -7.27 5.41
N ARG C 160 2.55 -7.96 4.33
CA ARG C 160 3.31 -9.13 3.91
C ARG C 160 4.63 -8.71 3.27
N SER C 161 5.72 -8.81 4.04
CA SER C 161 7.06 -8.47 3.54
C SER C 161 7.39 -9.26 2.29
N THR C 162 7.53 -8.55 1.16
CA THR C 162 7.75 -9.21 -0.12
C THR C 162 8.98 -8.69 -0.84
N SER C 163 9.04 -8.95 -2.13
CA SER C 163 10.16 -8.48 -2.96
C SER C 163 9.65 -7.67 -4.15
N PRO C 164 10.41 -6.64 -4.54
CA PRO C 164 9.98 -5.78 -5.64
C PRO C 164 10.13 -6.52 -6.95
N ASN C 165 9.23 -6.26 -7.89
CA ASN C 165 9.32 -6.84 -9.23
C ASN C 165 10.44 -6.20 -10.02
N LEU C 166 11.54 -6.92 -10.23
CA LEU C 166 12.70 -6.37 -10.95
C LEU C 166 12.86 -6.92 -12.38
N ARG C 167 13.38 -6.09 -13.28
CA ARG C 167 13.63 -6.52 -14.67
C ARG C 167 15.08 -6.31 -15.05
N TYR C 168 15.76 -7.40 -15.42
CA TYR C 168 17.10 -7.31 -16.00
C TYR C 168 17.13 -6.12 -16.95
N PRO C 169 18.24 -5.35 -16.92
CA PRO C 169 19.44 -5.61 -16.14
C PRO C 169 19.37 -5.19 -14.68
N ILE C 170 18.25 -4.62 -14.25
CA ILE C 170 18.05 -4.33 -12.83
C ILE C 170 17.82 -5.64 -12.07
N ALA C 171 18.43 -5.77 -10.90
CA ALA C 171 18.45 -7.07 -10.20
C ALA C 171 18.80 -6.95 -8.73
N ASP C 172 18.46 -7.98 -7.95
CA ASP C 172 18.85 -8.04 -6.56
C ASP C 172 20.36 -8.14 -6.48
N VAL C 173 21.01 -7.02 -6.16
CA VAL C 173 22.45 -7.05 -5.90
C VAL C 173 22.69 -7.11 -4.40
N SER C 174 23.12 -8.28 -3.93
CA SER C 174 23.29 -8.53 -2.50
C SER C 174 22.36 -7.70 -1.60
N GLY C 175 21.07 -8.03 -1.61
CA GLY C 175 20.13 -7.40 -0.69
C GLY C 175 19.41 -6.15 -1.17
N GLY C 176 19.96 -5.47 -2.17
CA GLY C 176 19.34 -4.26 -2.67
C GLY C 176 18.98 -4.24 -4.15
N ILE C 177 18.20 -3.24 -4.54
CA ILE C 177 17.88 -3.03 -5.95
C ILE C 177 19.06 -2.35 -6.59
N GLY C 178 19.78 -3.08 -7.45
CA GLY C 178 20.96 -2.54 -8.10
C GLY C 178 21.09 -2.89 -9.58
N MET C 179 22.27 -2.69 -10.13
CA MET C 179 22.50 -3.01 -11.53
C MET C 179 23.28 -4.30 -11.66
N SER C 180 22.72 -5.25 -12.39
CA SER C 180 23.29 -6.60 -12.50
C SER C 180 24.70 -6.61 -13.06
N PRO C 181 25.62 -7.31 -12.38
CA PRO C 181 27.00 -7.38 -12.82
C PRO C 181 27.18 -7.95 -14.23
N ASN C 182 26.43 -9.00 -14.58
CA ASN C 182 26.57 -9.60 -15.91
CA ASN C 182 26.56 -9.60 -15.91
C ASN C 182 26.27 -8.62 -17.05
N TYR C 183 25.44 -7.61 -16.76
CA TYR C 183 25.16 -6.55 -17.72
C TYR C 183 26.34 -5.58 -17.82
N ARG C 184 26.98 -5.31 -16.68
CA ARG C 184 28.10 -4.38 -16.62
C ARG C 184 29.37 -4.92 -17.26
N PHE C 185 29.53 -6.25 -17.25
CA PHE C 185 30.69 -6.84 -17.89
C PHE C 185 30.67 -8.36 -17.91
N ARG C 186 30.76 -8.90 -19.11
CA ARG C 186 30.75 -10.34 -19.37
C ARG C 186 31.81 -10.64 -20.41
N GLN C 187 32.57 -11.70 -20.20
CA GLN C 187 33.64 -12.03 -21.13
C GLN C 187 33.43 -13.41 -21.73
N SER C 188 33.81 -13.56 -22.99
CA SER C 188 33.72 -14.85 -23.63
C SER C 188 34.74 -14.90 -24.76
N MET C 189 34.63 -15.90 -25.62
CA MET C 189 35.61 -16.06 -26.68
C MET C 189 34.97 -16.56 -27.95
N TRP C 190 35.56 -16.23 -29.08
CA TRP C 190 35.12 -16.82 -30.33
C TRP C 190 36.29 -17.45 -31.05
N ILE C 191 36.13 -18.71 -31.44
CA ILE C 191 37.15 -19.43 -32.17
C ILE C 191 36.54 -19.90 -33.46
N GLY C 192 36.84 -19.20 -34.55
CA GLY C 192 36.18 -19.47 -35.82
C GLY C 192 36.80 -18.87 -37.08
N ILE C 193 36.00 -18.79 -38.12
CA ILE C 193 36.52 -18.39 -39.44
C ILE C 193 36.18 -16.96 -39.89
N VAL C 194 37.19 -16.14 -40.18
CA VAL C 194 36.90 -14.91 -40.91
C VAL C 194 37.10 -15.17 -42.39
N SER C 195 36.13 -14.73 -43.19
CA SER C 195 36.22 -14.94 -44.62
C SER C 195 36.25 -13.61 -45.34
N TYR C 196 37.05 -13.55 -46.39
CA TYR C 196 37.13 -12.38 -47.24
C TYR C 196 36.47 -12.64 -48.58
N SER C 197 35.73 -11.64 -49.06
CA SER C 197 35.11 -11.75 -50.36
C SER C 197 35.10 -10.41 -51.07
N GLY C 198 35.50 -10.42 -52.33
CA GLY C 198 35.53 -9.21 -53.13
C GLY C 198 36.00 -9.47 -54.55
N SER C 199 35.17 -9.09 -55.52
CA SER C 199 35.53 -9.14 -56.94
C SER C 199 36.13 -10.46 -57.38
N GLY C 200 35.54 -11.57 -56.95
CA GLY C 200 36.02 -12.88 -57.35
C GLY C 200 37.04 -13.46 -56.40
N LEU C 201 37.58 -12.63 -55.51
CA LEU C 201 38.50 -13.11 -54.51
C LEU C 201 37.74 -13.74 -53.36
N ASN C 202 38.17 -14.94 -52.94
CA ASN C 202 37.62 -15.62 -51.77
C ASN C 202 38.68 -16.37 -51.00
N TRP C 203 38.69 -16.20 -49.69
CA TRP C 203 39.65 -16.91 -48.85
C TRP C 203 39.25 -16.91 -47.37
N ARG C 204 39.85 -17.83 -46.60
CA ARG C 204 39.46 -17.99 -45.20
C ARG C 204 40.67 -18.03 -44.28
N VAL C 205 40.44 -17.67 -43.02
CA VAL C 205 41.49 -17.69 -42.00
C VAL C 205 40.89 -18.07 -40.65
N GLN C 206 41.55 -18.97 -39.92
CA GLN C 206 41.14 -19.32 -38.56
C GLN C 206 41.73 -18.36 -37.56
N VAL C 207 40.89 -17.86 -36.65
CA VAL C 207 41.35 -16.92 -35.64
C VAL C 207 40.63 -17.16 -34.33
N ASN C 208 41.10 -16.47 -33.30
CA ASN C 208 40.45 -16.54 -32.01
C ASN C 208 40.39 -15.14 -31.49
N SER C 209 39.25 -14.78 -30.89
CA SER C 209 39.11 -13.44 -30.40
C SER C 209 38.39 -13.44 -29.07
N ASP C 210 38.87 -12.59 -28.17
CA ASP C 210 38.12 -12.28 -26.96
C ASP C 210 36.86 -11.55 -27.37
N ILE C 211 35.80 -11.79 -26.60
CA ILE C 211 34.53 -11.08 -26.77
C ILE C 211 34.17 -10.44 -25.44
N PHE C 212 33.93 -9.14 -25.47
CA PHE C 212 33.51 -8.44 -24.27
C PHE C 212 32.14 -7.82 -24.49
N ILE C 213 31.22 -8.12 -23.58
CA ILE C 213 29.92 -7.49 -23.59
C ILE C 213 29.82 -6.56 -22.38
N VAL C 214 29.66 -5.28 -22.64
CA VAL C 214 29.67 -4.26 -21.60
C VAL C 214 28.51 -3.28 -21.76
N ASP C 215 27.61 -3.25 -20.79
CA ASP C 215 26.43 -2.43 -20.92
C ASP C 215 25.76 -2.87 -22.21
N ASP C 216 25.31 -1.95 -23.04
CA ASP C 216 24.61 -2.40 -24.25
C ASP C 216 25.46 -2.60 -25.53
N TYR C 217 26.77 -2.76 -25.36
CA TYR C 217 27.65 -2.95 -26.50
C TYR C 217 28.34 -4.30 -26.50
N ILE C 218 28.63 -4.81 -27.69
CA ILE C 218 29.53 -5.95 -27.80
C ILE C 218 30.84 -5.51 -28.46
N HIS C 219 31.95 -6.15 -28.10
CA HIS C 219 33.26 -5.89 -28.70
C HIS C 219 33.91 -7.19 -29.11
N ILE C 220 34.23 -7.30 -30.40
CA ILE C 220 34.99 -8.45 -30.89
C ILE C 220 36.44 -8.08 -31.21
N CYS C 221 37.37 -8.75 -30.54
CA CYS C 221 38.77 -8.33 -30.64
C CYS C 221 39.62 -9.24 -31.51
N LEU C 222 39.71 -8.88 -32.77
CA LEU C 222 40.44 -9.66 -33.76
C LEU C 222 41.94 -9.45 -33.67
N PRO C 223 42.71 -10.54 -33.76
CA PRO C 223 44.17 -10.54 -33.87
C PRO C 223 44.65 -10.14 -35.27
N ALA C 224 45.84 -9.57 -35.33
CA ALA C 224 46.50 -9.40 -36.62
C ALA C 224 46.49 -10.77 -37.28
N PHE C 225 46.44 -10.83 -38.61
CA PHE C 225 46.53 -12.11 -39.30
C PHE C 225 46.98 -11.94 -40.74
N ASP C 226 47.34 -13.05 -41.37
CA ASP C 226 47.74 -13.06 -42.77
C ASP C 226 46.60 -13.55 -43.66
N GLY C 227 46.33 -12.83 -44.74
CA GLY C 227 45.33 -13.23 -45.72
C GLY C 227 45.90 -13.22 -47.14
N PHE C 228 45.04 -13.03 -48.15
CA PHE C 228 45.51 -13.10 -49.53
C PHE C 228 45.16 -11.84 -50.32
N SER C 229 44.94 -11.96 -51.62
CA SER C 229 44.65 -10.77 -52.41
C SER C 229 43.31 -10.15 -52.01
N ILE C 230 43.25 -8.83 -52.04
CA ILE C 230 41.99 -8.15 -51.78
C ILE C 230 41.64 -7.27 -52.96
N ALA C 231 40.34 -7.04 -53.13
CA ALA C 231 39.88 -6.10 -54.12
C ALA C 231 39.84 -4.71 -53.50
N ASP C 232 39.78 -3.70 -54.35
CA ASP C 232 39.58 -2.34 -53.89
C ASP C 232 38.49 -2.29 -52.85
N GLY C 233 37.44 -3.06 -53.10
CA GLY C 233 36.31 -3.16 -52.20
C GLY C 233 35.97 -4.61 -51.98
N GLY C 234 35.45 -4.92 -50.80
CA GLY C 234 35.17 -6.28 -50.45
C GLY C 234 34.60 -6.34 -49.04
N ASP C 235 34.22 -7.53 -48.62
CA ASP C 235 33.55 -7.68 -47.35
C ASP C 235 34.31 -8.75 -46.58
N LEU C 236 34.59 -8.44 -45.33
CA LEU C 236 35.20 -9.39 -44.42
C LEU C 236 34.07 -9.90 -43.53
N SER C 237 33.95 -11.23 -43.42
CA SER C 237 32.84 -11.87 -42.70
C SER C 237 33.28 -12.71 -41.51
N LEU C 238 32.60 -12.52 -40.38
CA LEU C 238 32.83 -13.31 -39.18
C LEU C 238 31.65 -14.25 -38.98
N ASN C 239 31.94 -15.55 -38.88
CA ASN C 239 30.91 -16.58 -38.85
C ASN C 239 30.65 -17.08 -37.43
N PHE C 240 29.73 -16.42 -36.73
CA PHE C 240 29.44 -16.72 -35.33
C PHE C 240 28.53 -17.92 -35.17
N VAL C 241 28.22 -18.58 -36.28
CA VAL C 241 27.29 -19.71 -36.25
C VAL C 241 27.86 -20.87 -35.44
N THR C 242 29.17 -21.07 -35.50
CA THR C 242 29.86 -21.95 -34.57
C THR C 242 31.01 -21.19 -33.91
N GLY C 243 31.60 -21.79 -32.87
CA GLY C 243 32.83 -21.29 -32.31
C GLY C 243 32.73 -20.43 -31.06
N LEU C 244 31.52 -19.94 -30.76
CA LEU C 244 31.33 -19.15 -29.56
C LEU C 244 31.45 -20.08 -28.37
N LEU C 245 32.04 -19.59 -27.28
CA LEU C 245 32.17 -20.38 -26.06
C LEU C 245 31.05 -20.13 -25.06
N PRO C 246 30.44 -21.22 -24.56
CA PRO C 246 29.39 -21.18 -23.54
C PRO C 246 29.72 -20.13 -22.50
N PRO C 247 28.70 -19.45 -21.96
CA PRO C 247 27.29 -19.69 -22.26
C PRO C 247 26.75 -18.80 -23.39
N LEU C 248 27.63 -18.19 -24.17
CA LEU C 248 27.22 -17.34 -25.29
C LEU C 248 26.65 -18.16 -26.43
N LEU C 249 25.70 -17.54 -27.14
CA LEU C 249 25.07 -18.13 -28.32
C LEU C 249 25.04 -17.14 -29.46
N THR C 250 24.89 -17.67 -30.67
CA THR C 250 24.91 -16.89 -31.88
C THR C 250 24.06 -15.62 -31.78
N GLY C 251 22.85 -15.76 -31.21
CA GLY C 251 21.93 -14.65 -31.10
C GLY C 251 22.51 -13.50 -30.28
N ASP C 252 23.35 -13.85 -29.32
CA ASP C 252 23.99 -12.85 -28.48
C ASP C 252 24.85 -11.88 -29.28
N THR C 253 25.15 -12.21 -30.53
CA THR C 253 25.94 -11.30 -31.36
C THR C 253 25.10 -10.46 -32.33
N GLU C 254 23.78 -10.61 -32.32
CA GLU C 254 22.94 -9.72 -33.13
C GLU C 254 22.98 -8.26 -32.66
N PRO C 255 23.16 -7.33 -33.59
CA PRO C 255 23.12 -5.90 -33.28
C PRO C 255 21.72 -5.43 -32.91
N ALA C 256 21.63 -4.36 -32.14
CA ALA C 256 20.36 -3.77 -31.77
C ALA C 256 19.58 -3.29 -33.01
N PHE C 257 20.31 -2.96 -34.08
CA PHE C 257 19.68 -2.62 -35.35
C PHE C 257 19.45 -3.87 -36.19
N HIS C 258 19.58 -5.03 -35.57
CA HIS C 258 19.24 -6.30 -36.20
C HIS C 258 19.91 -6.50 -37.56
N ASN C 259 19.11 -6.79 -38.58
CA ASN C 259 19.62 -7.12 -39.90
C ASN C 259 19.79 -5.92 -40.85
N ASP C 260 19.55 -4.71 -40.35
CA ASP C 260 19.64 -3.52 -41.19
C ASP C 260 21.08 -3.32 -41.69
N VAL C 261 21.21 -2.69 -42.85
CA VAL C 261 22.50 -2.34 -43.39
C VAL C 261 22.90 -0.96 -42.88
N VAL C 262 24.13 -0.86 -42.40
CA VAL C 262 24.58 0.36 -41.76
C VAL C 262 26.01 0.70 -42.15
N THR C 263 26.48 1.83 -41.67
CA THR C 263 27.87 2.21 -41.80
C THR C 263 28.36 2.58 -40.40
N TYR C 264 28.42 1.60 -39.51
CA TYR C 264 28.66 1.85 -38.10
C TYR C 264 30.08 1.58 -37.69
N GLY C 265 30.64 2.51 -36.93
CA GLY C 265 31.99 2.38 -36.40
C GLY C 265 33.03 2.55 -37.48
N ALA C 266 32.75 3.40 -38.46
CA ALA C 266 33.64 3.51 -39.60
C ALA C 266 34.94 4.10 -39.13
N GLN C 267 36.03 3.44 -39.49
CA GLN C 267 37.36 3.76 -39.02
C GLN C 267 38.39 3.54 -40.13
N THR C 268 39.63 3.87 -39.85
CA THR C 268 40.66 3.71 -40.85
C THR C 268 41.63 2.62 -40.42
N VAL C 269 41.94 1.67 -41.31
CA VAL C 269 42.90 0.62 -41.01
C VAL C 269 43.96 0.50 -42.09
N ALA C 270 45.18 0.17 -41.70
CA ALA C 270 46.26 0.01 -42.69
C ALA C 270 46.64 -1.45 -42.88
N ILE C 271 46.51 -1.91 -44.12
CA ILE C 271 46.74 -3.30 -44.50
C ILE C 271 47.95 -3.43 -45.42
N GLY C 272 48.87 -4.31 -45.08
CA GLY C 272 50.07 -4.53 -45.87
C GLY C 272 49.89 -5.44 -47.09
N LEU C 273 50.18 -4.92 -48.27
CA LEU C 273 49.99 -5.67 -49.51
C LEU C 273 51.31 -6.07 -50.10
N SER C 274 51.43 -7.34 -50.49
CA SER C 274 52.72 -7.87 -50.89
C SER C 274 52.60 -8.89 -52.02
N SER C 275 53.71 -9.10 -52.73
CA SER C 275 53.83 -10.21 -53.66
C SER C 275 54.90 -11.17 -53.17
N GLY C 276 55.16 -11.11 -51.87
CA GLY C 276 56.18 -11.93 -51.26
C GLY C 276 57.35 -11.09 -50.74
N GLY C 277 57.45 -9.87 -51.23
CA GLY C 277 58.47 -8.94 -50.77
C GLY C 277 58.02 -8.08 -49.61
N THR C 278 58.57 -6.88 -49.55
CA THR C 278 58.27 -5.95 -48.48
C THR C 278 56.89 -5.35 -48.68
N PRO C 279 56.01 -5.50 -47.70
CA PRO C 279 54.65 -5.02 -47.94
C PRO C 279 54.56 -3.50 -48.05
N GLN C 280 53.65 -3.04 -48.90
CA GLN C 280 53.26 -1.65 -48.95
C GLN C 280 51.97 -1.51 -48.16
N TYR C 281 51.87 -0.49 -47.31
CA TYR C 281 50.69 -0.38 -46.46
C TYR C 281 49.63 0.60 -46.97
N MET C 282 48.45 0.07 -47.27
CA MET C 282 47.38 0.89 -47.82
C MET C 282 46.43 1.24 -46.71
N SER C 283 46.06 2.51 -46.67
CA SER C 283 45.04 2.93 -45.74
C SER C 283 43.68 2.62 -46.32
N LYS C 284 42.95 1.72 -45.67
CA LYS C 284 41.62 1.33 -46.10
C LYS C 284 40.56 1.73 -45.06
N ASN C 285 39.31 1.79 -45.51
CA ASN C 285 38.17 2.23 -44.71
C ASN C 285 37.41 0.98 -44.27
N LEU C 286 37.18 0.82 -42.96
CA LEU C 286 36.48 -0.36 -42.45
C LEU C 286 35.27 0.05 -41.65
N TRP C 287 34.20 -0.70 -41.76
CA TRP C 287 33.04 -0.46 -40.91
C TRP C 287 32.15 -1.68 -40.77
N VAL C 288 31.31 -1.67 -39.73
CA VAL C 288 30.30 -2.71 -39.55
C VAL C 288 29.15 -2.46 -40.53
N GLU C 289 28.89 -3.43 -41.38
CA GLU C 289 27.99 -3.25 -42.52
C GLU C 289 26.61 -3.85 -42.26
N GLN C 290 26.59 -5.14 -41.88
CA GLN C 290 25.33 -5.85 -41.66
C GLN C 290 25.55 -7.24 -41.05
N TRP C 291 24.63 -7.65 -40.19
CA TRP C 291 24.65 -8.95 -39.53
C TRP C 291 23.48 -9.70 -40.12
N GLN C 292 23.70 -10.95 -40.48
CA GLN C 292 22.70 -11.70 -41.18
C GLN C 292 22.86 -13.18 -40.85
N ASP C 293 21.86 -13.73 -40.16
CA ASP C 293 21.84 -15.16 -39.84
C ASP C 293 23.08 -15.67 -39.12
N GLY C 294 23.54 -14.91 -38.11
CA GLY C 294 24.71 -15.31 -37.35
C GLY C 294 26.04 -15.01 -38.00
N VAL C 295 26.02 -14.32 -39.14
CA VAL C 295 27.25 -13.88 -39.77
C VAL C 295 27.39 -12.35 -39.76
N LEU C 296 28.46 -11.87 -39.15
CA LEU C 296 28.70 -10.43 -39.14
C LEU C 296 29.56 -10.07 -40.34
N ARG C 297 29.10 -9.12 -41.15
CA ARG C 297 29.86 -8.67 -42.31
C ARG C 297 30.42 -7.27 -42.13
N LEU C 298 31.72 -7.14 -42.37
CA LEU C 298 32.42 -5.87 -42.33
C LEU C 298 32.80 -5.40 -43.74
N ARG C 299 32.54 -4.13 -44.05
CA ARG C 299 33.06 -3.53 -45.29
C ARG C 299 34.52 -3.09 -45.18
N VAL C 300 35.32 -3.48 -46.17
CA VAL C 300 36.71 -3.06 -46.26
C VAL C 300 36.90 -2.43 -47.63
N GLU C 301 37.14 -1.12 -47.70
CA GLU C 301 37.23 -0.43 -49.00
C GLU C 301 37.99 0.90 -48.98
N GLY C 302 38.20 1.45 -50.17
CA GLY C 302 38.85 2.74 -50.33
C GLY C 302 40.37 2.68 -50.32
N GLY C 303 40.99 3.81 -50.60
CA GLY C 303 42.38 4.02 -50.25
C GLY C 303 43.48 3.59 -51.20
N GLY C 304 43.15 3.34 -52.46
CA GLY C 304 44.19 2.93 -53.39
C GLY C 304 44.41 1.43 -53.49
N SER C 305 45.20 1.01 -54.47
CA SER C 305 45.40 -0.41 -54.71
C SER C 305 46.66 -0.68 -55.50
N ILE C 306 47.35 -1.76 -55.15
CA ILE C 306 48.36 -2.32 -56.03
C ILE C 306 48.11 -3.80 -56.28
N THR C 307 48.76 -4.32 -57.32
CA THR C 307 48.70 -5.73 -57.60
C THR C 307 49.44 -6.48 -56.50
N HIS C 308 48.89 -7.60 -56.05
CA HIS C 308 49.52 -8.35 -54.97
C HIS C 308 48.88 -9.72 -54.78
N SER C 309 49.53 -10.56 -54.00
CA SER C 309 49.01 -11.90 -53.74
C SER C 309 48.86 -12.19 -52.25
N ASN C 310 49.37 -11.30 -51.40
CA ASN C 310 49.35 -11.56 -49.96
C ASN C 310 49.10 -10.30 -49.18
N SER C 311 48.27 -10.40 -48.15
CA SER C 311 47.90 -9.25 -47.34
C SER C 311 48.17 -9.45 -45.86
N LYS C 312 48.55 -8.37 -45.19
CA LYS C 312 48.87 -8.44 -43.76
C LYS C 312 47.94 -7.54 -42.99
N TRP C 313 47.00 -8.15 -42.29
CA TRP C 313 45.99 -7.38 -41.61
C TRP C 313 46.43 -7.10 -40.19
N PRO C 314 46.22 -5.86 -39.74
CA PRO C 314 46.51 -5.52 -38.34
C PRO C 314 45.47 -6.17 -37.42
N ALA C 315 45.62 -6.00 -36.12
CA ALA C 315 44.55 -6.37 -35.23
C ALA C 315 43.52 -5.29 -35.39
N MET C 316 42.25 -5.69 -35.39
CA MET C 316 41.12 -4.77 -35.43
C MET C 316 40.09 -5.17 -34.38
N THR C 317 39.59 -4.19 -33.63
CA THR C 317 38.51 -4.41 -32.68
C THR C 317 37.20 -3.89 -33.27
N VAL C 318 36.20 -4.76 -33.29
CA VAL C 318 34.92 -4.44 -33.90
C VAL C 318 33.86 -4.34 -32.83
N SER C 319 33.20 -3.18 -32.76
CA SER C 319 32.19 -2.88 -31.75
C SER C 319 30.88 -2.39 -32.35
N TYR C 320 29.77 -2.74 -31.68
CA TYR C 320 28.43 -2.24 -32.02
C TYR C 320 27.44 -2.50 -30.85
N PRO C 321 26.29 -1.82 -30.84
CA PRO C 321 25.25 -2.08 -29.83
C PRO C 321 24.53 -3.41 -30.02
N ARG C 322 24.21 -4.06 -28.92
CA ARG C 322 23.78 -5.46 -28.92
C ARG C 322 22.28 -5.54 -28.83
N SER C 323 21.68 -6.48 -29.55
CA SER C 323 20.25 -6.73 -29.40
C SER C 323 19.99 -7.16 -27.98
N PHE C 324 18.85 -6.73 -27.44
CA PHE C 324 18.45 -7.13 -26.10
C PHE C 324 16.96 -7.42 -26.07
N THR C 325 16.55 -8.33 -25.21
CA THR C 325 15.16 -8.76 -25.16
C THR C 325 14.35 -7.91 -24.17
#